data_1GOT
#
_entry.id   1GOT
#
_cell.length_a   133.400
_cell.length_b   91.400
_cell.length_c   83.200
_cell.angle_alpha   90.00
_cell.angle_beta   120.10
_cell.angle_gamma   90.00
#
_symmetry.space_group_name_H-M   'C 1 2 1'
#
loop_
_entity.id
_entity.type
_entity.pdbx_description
1 polymer 'GT-ALPHA/GI-ALPHA CHIMERA'
2 polymer GT-BETA
3 polymer GT-GAMMA
4 non-polymer "GUANOSINE-5'-DIPHOSPHATE"
5 water water
#
loop_
_entity_poly.entity_id
_entity_poly.type
_entity_poly.pdbx_seq_one_letter_code
_entity_poly.pdbx_strand_id
1 'polypeptide(L)'
;MGAGASAEEKHSRELEKKLKEDAEKDARTVKLLLLGAGESGKSTIVKQ(MSE)KIIHQDGYSLEECLEFIAIIYGNTLQS
ILAIVRA(MSE)TTLNIQYGDSARQDDARKL(MSE)H(MSE)ADTIEEGT(MSE)PKE(MSE)SDIIQRLWKDSGIQACF
DRASEYQLNDSAGYYLSDLERLVTPGYVPTEQDVLRSRVKTTGIIETQFSFKDLNFR(MSE)FDVGGQRSERKKWIHCFE
GVTAIIFCVALSDYDLVLAEDEE(MSE)NR(MSE)HES(MSE)KLFDSICNNKWFTDTSIILFLNKKDLFEEKIKKSPLT
ICYPEYAGSNTYEEAGNYIKVQFLELN(MSE)RRDVKEIYSH(MSE)TCATDTQNVKFVFDAVTDIIIKENLKDCGLF
;
A
2 'polypeptide(L)'
;MSELDQLRQEAEQLKNQIRDARKACADATLSQITNNIDPVGRIQMRTRRTLRGHLAKIYAMHWGTDSRLLLSASQDGKLI
IWDSYTTNKVHAIPLRSSWVMTCAYAPSGNYVACGGLDNICSIYNLKTREGNVRVSRELAGHTGYLSCCRFLDDNQIVTS
SGDTTCALWDIETGQQTTTFTGHTGDVMSLSLAPDTRLFVSGACDASAKLWDVREGMCRQTFTGHESDINAICFFPNGNA
FATGSDDATCRLFDLRADQELMTYSHDNIICGITSVSFSKSGRLLLAGYDDFNCNVWDALKADRAGVLAGHDNRVSCLGV
TDDGMAVATGSWDSFLKIWN
;
B
3 'polypeptide(L)' MPVINIEDPVINIEDLTEKDKLKMEVDQLKKEVTLERMLVSKCCEEFRDYVEERSGEDPLVKGIPEDKNPFKE G
#
# COMPACT_ATOMS: atom_id res chain seq x y z
N SER A 6 2.85 39.39 12.69
CA SER A 6 3.59 38.41 13.53
C SER A 6 4.49 37.56 12.65
N ALA A 7 5.65 37.16 13.17
CA ALA A 7 6.60 36.34 12.43
C ALA A 7 5.96 35.04 11.96
N GLU A 8 5.34 34.33 12.90
CA GLU A 8 4.66 33.06 12.61
C GLU A 8 3.56 33.30 11.58
N GLU A 9 2.76 34.33 11.81
CA GLU A 9 1.68 34.67 10.89
C GLU A 9 2.23 34.96 9.49
N LYS A 10 3.34 35.71 9.45
CA LYS A 10 3.99 36.04 8.18
C LYS A 10 4.48 34.77 7.52
N HIS A 11 5.13 33.90 8.30
CA HIS A 11 5.62 32.65 7.74
C HIS A 11 4.48 31.83 7.17
N SER A 12 3.34 31.84 7.86
CA SER A 12 2.16 31.09 7.41
C SER A 12 1.68 31.66 6.09
N ARG A 13 1.74 32.97 5.96
CA ARG A 13 1.33 33.63 4.72
C ARG A 13 2.29 33.24 3.58
N GLU A 14 3.56 33.06 3.94
CA GLU A 14 4.59 32.68 2.98
C GLU A 14 4.23 31.33 2.39
N LEU A 15 4.05 30.34 3.27
CA LEU A 15 3.70 28.97 2.88
C LEU A 15 2.42 28.92 2.05
N GLU A 16 1.47 29.76 2.41
CA GLU A 16 0.22 29.79 1.70
C GLU A 16 0.37 30.25 0.26
N LYS A 17 1.22 31.25 0.01
CA LYS A 17 1.40 31.74 -1.36
C LYS A 17 2.03 30.66 -2.25
N LYS A 18 2.81 29.78 -1.64
CA LYS A 18 3.45 28.68 -2.33
C LYS A 18 2.39 27.61 -2.60
N LEU A 19 1.57 27.34 -1.58
CA LEU A 19 0.50 26.36 -1.71
C LEU A 19 -0.46 26.82 -2.83
N LYS A 20 -0.64 28.13 -2.96
CA LYS A 20 -1.50 28.67 -4.00
C LYS A 20 -0.98 28.34 -5.39
N GLU A 21 0.34 28.38 -5.56
CA GLU A 21 0.98 28.04 -6.84
C GLU A 21 0.67 26.59 -7.21
N ASP A 22 0.99 25.69 -6.26
CA ASP A 22 0.77 24.25 -6.40
C ASP A 22 -0.64 23.93 -6.86
N ALA A 23 -1.61 24.66 -6.33
CA ALA A 23 -3.00 24.46 -6.69
C ALA A 23 -3.26 24.87 -8.14
N GLU A 24 -2.67 25.99 -8.56
CA GLU A 24 -2.83 26.47 -9.93
C GLU A 24 -2.20 25.47 -10.88
N LYS A 25 -1.02 24.96 -10.50
CA LYS A 25 -0.29 23.97 -11.29
C LYS A 25 -1.08 22.68 -11.37
N ASP A 26 -1.57 22.21 -10.22
CA ASP A 26 -2.36 20.98 -10.19
C ASP A 26 -3.59 21.08 -11.10
N ALA A 27 -4.16 22.28 -11.20
CA ALA A 27 -5.34 22.52 -12.03
C ALA A 27 -5.05 22.30 -13.52
N ARG A 28 -3.80 22.55 -13.91
CA ARG A 28 -3.38 22.38 -15.30
C ARG A 28 -2.53 21.11 -15.51
N THR A 29 -2.72 20.11 -14.64
CA THR A 29 -1.96 18.87 -14.72
C THR A 29 -2.83 17.68 -15.11
N VAL A 30 -2.31 16.87 -16.03
CA VAL A 30 -2.99 15.68 -16.49
C VAL A 30 -2.37 14.50 -15.72
N LYS A 31 -3.20 13.72 -15.03
CA LYS A 31 -2.76 12.56 -14.24
C LYS A 31 -3.13 11.29 -14.99
N LEU A 32 -2.13 10.46 -15.22
CA LEU A 32 -2.34 9.21 -15.95
C LEU A 32 -1.89 8.01 -15.11
N LEU A 33 -2.82 7.11 -14.87
CA LEU A 33 -2.52 5.92 -14.10
C LEU A 33 -2.28 4.76 -15.06
N LEU A 34 -1.12 4.13 -14.97
CA LEU A 34 -0.82 2.98 -15.81
C LEU A 34 -1.18 1.72 -15.04
N LEU A 35 -1.89 0.79 -15.67
CA LEU A 35 -2.26 -0.46 -15.01
C LEU A 35 -2.09 -1.60 -16.00
N GLY A 36 -1.98 -2.83 -15.48
CA GLY A 36 -1.84 -4.01 -16.31
C GLY A 36 -1.06 -5.07 -15.57
N ALA A 37 -1.19 -6.33 -15.98
CA ALA A 37 -0.47 -7.40 -15.30
C ALA A 37 1.04 -7.20 -15.39
N GLY A 38 1.79 -8.03 -14.66
CA GLY A 38 3.23 -7.94 -14.72
C GLY A 38 3.70 -8.21 -16.14
N GLU A 39 4.80 -7.58 -16.55
CA GLU A 39 5.34 -7.75 -17.90
C GLU A 39 4.40 -7.36 -19.03
N SER A 40 3.49 -6.41 -18.78
CA SER A 40 2.57 -6.01 -19.85
C SER A 40 3.12 -4.85 -20.66
N GLY A 41 4.09 -4.13 -20.09
CA GLY A 41 4.70 -3.01 -20.80
C GLY A 41 4.66 -1.70 -20.08
N LYS A 42 4.25 -1.70 -18.81
CA LYS A 42 4.15 -0.45 -18.05
C LYS A 42 5.47 0.27 -17.79
N SER A 43 6.48 -0.42 -17.27
CA SER A 43 7.76 0.24 -17.03
C SER A 43 8.37 0.86 -18.30
N THR A 44 8.19 0.17 -19.42
CA THR A 44 8.72 0.59 -20.73
C THR A 44 8.07 1.89 -21.16
N ILE A 45 6.74 1.99 -20.99
CA ILE A 45 6.02 3.22 -21.31
C ILE A 45 6.59 4.35 -20.46
N VAL A 46 6.88 4.07 -19.20
CA VAL A 46 7.43 5.11 -18.36
C VAL A 46 8.82 5.54 -18.85
N LYS A 47 9.64 4.58 -19.32
CA LYS A 47 10.99 4.90 -19.83
C LYS A 47 10.87 5.74 -21.10
N GLN A 48 9.84 5.48 -21.89
CA GLN A 48 9.63 6.23 -23.12
C GLN A 48 9.27 7.68 -22.86
N LYS A 50 10.48 9.47 -20.54
CA LYS A 50 11.76 10.12 -20.25
C LYS A 50 12.50 10.43 -21.57
N ILE A 51 12.59 9.42 -22.44
CA ILE A 51 13.24 9.52 -23.76
C ILE A 51 12.54 10.53 -24.64
N ILE A 52 11.21 10.49 -24.68
CA ILE A 52 10.44 11.41 -25.52
C ILE A 52 10.18 12.80 -24.94
N HIS A 53 9.90 12.90 -23.65
CA HIS A 53 9.59 14.21 -23.08
C HIS A 53 10.56 14.79 -22.06
N GLN A 54 11.62 14.06 -21.73
CA GLN A 54 12.56 14.56 -20.73
C GLN A 54 14.05 14.49 -21.05
N ASP A 55 14.41 14.50 -22.33
CA ASP A 55 15.81 14.46 -22.76
C ASP A 55 16.60 13.17 -22.50
N GLY A 56 15.91 12.04 -22.51
CA GLY A 56 16.52 10.73 -22.34
C GLY A 56 17.42 10.51 -21.16
N TYR A 57 18.34 9.56 -21.33
CA TYR A 57 19.29 9.18 -20.30
C TYR A 57 20.70 9.76 -20.46
N SER A 58 21.29 10.14 -19.34
CA SER A 58 22.65 10.68 -19.34
C SER A 58 23.60 9.52 -19.56
N LEU A 59 24.85 9.86 -19.85
CA LEU A 59 25.90 8.87 -20.10
C LEU A 59 26.00 7.93 -18.94
N GLU A 60 26.15 8.50 -17.76
CA GLU A 60 26.27 7.74 -16.53
C GLU A 60 25.04 6.88 -16.27
N GLU A 61 23.86 7.39 -16.61
CA GLU A 61 22.64 6.62 -16.41
C GLU A 61 22.66 5.38 -17.30
N CYS A 62 23.05 5.54 -18.57
CA CYS A 62 23.13 4.40 -19.46
C CYS A 62 24.14 3.37 -18.93
N LEU A 63 25.26 3.87 -18.43
CA LEU A 63 26.31 3.02 -17.89
C LEU A 63 25.74 2.25 -16.70
N GLU A 64 24.93 2.89 -15.87
CA GLU A 64 24.30 2.20 -14.74
C GLU A 64 23.44 1.02 -15.20
N PHE A 65 22.99 1.05 -16.44
CA PHE A 65 22.17 -0.05 -16.95
C PHE A 65 22.93 -1.29 -17.40
N ILE A 66 24.26 -1.19 -17.54
CA ILE A 66 25.05 -2.34 -17.97
C ILE A 66 24.81 -3.57 -17.07
N ALA A 67 24.96 -3.37 -15.76
CA ALA A 67 24.75 -4.47 -14.81
C ALA A 67 23.36 -5.10 -14.94
N ILE A 68 22.34 -4.28 -15.18
CA ILE A 68 20.98 -4.80 -15.31
C ILE A 68 20.89 -5.64 -16.57
N ILE A 69 21.46 -5.12 -17.65
CA ILE A 69 21.47 -5.79 -18.95
C ILE A 69 22.22 -7.14 -18.88
N TYR A 70 23.30 -7.20 -18.10
CA TYR A 70 24.08 -8.43 -17.93
C TYR A 70 23.28 -9.39 -17.09
N GLY A 71 22.60 -8.88 -16.06
CA GLY A 71 21.77 -9.71 -15.22
C GLY A 71 20.68 -10.36 -16.06
N ASN A 72 19.98 -9.52 -16.83
CA ASN A 72 18.91 -9.97 -17.72
C ASN A 72 19.38 -11.02 -18.72
N THR A 73 20.57 -10.79 -19.26
CA THR A 73 21.14 -11.70 -20.25
C THR A 73 21.48 -13.07 -19.67
N LEU A 74 22.12 -13.08 -18.50
CA LEU A 74 22.44 -14.34 -17.82
C LEU A 74 21.15 -15.04 -17.45
N GLN A 75 20.22 -14.29 -16.85
CA GLN A 75 18.94 -14.84 -16.44
C GLN A 75 18.24 -15.52 -17.62
N SER A 76 18.26 -14.86 -18.78
CA SER A 76 17.64 -15.43 -19.97
C SER A 76 18.27 -16.76 -20.40
N ILE A 77 19.60 -16.82 -20.52
CA ILE A 77 20.25 -18.06 -20.97
C ILE A 77 20.07 -19.23 -19.98
N LEU A 78 20.14 -18.93 -18.67
CA LEU A 78 19.95 -19.97 -17.66
C LEU A 78 18.54 -20.54 -17.80
N ALA A 79 17.56 -19.70 -18.09
CA ALA A 79 16.19 -20.18 -18.24
C ALA A 79 16.11 -21.20 -19.38
N ILE A 80 16.71 -20.86 -20.51
CA ILE A 80 16.71 -21.75 -21.67
C ILE A 80 17.48 -23.03 -21.33
N VAL A 81 18.63 -22.88 -20.69
CA VAL A 81 19.45 -24.02 -20.28
C VAL A 81 18.66 -24.97 -19.36
N ARG A 82 18.06 -24.45 -18.30
CA ARG A 82 17.28 -25.32 -17.41
C ARG A 82 16.11 -25.98 -18.15
N ALA A 83 15.55 -25.28 -19.13
CA ALA A 83 14.47 -25.84 -19.92
C ALA A 83 14.96 -27.02 -20.81
N THR A 85 16.61 -29.52 -19.85
CA THR A 85 16.32 -30.69 -19.03
C THR A 85 14.83 -30.90 -18.83
N THR A 86 14.14 -29.84 -18.45
CA THR A 86 12.70 -29.94 -18.20
C THR A 86 11.95 -30.35 -19.46
N LEU A 87 12.35 -29.87 -20.62
CA LEU A 87 11.66 -30.26 -21.84
C LEU A 87 12.27 -31.50 -22.47
N ASN A 88 13.38 -32.00 -21.91
CA ASN A 88 14.05 -33.20 -22.44
C ASN A 88 14.52 -32.97 -23.89
N ILE A 89 15.20 -31.84 -24.11
CA ILE A 89 15.69 -31.49 -25.44
C ILE A 89 17.19 -31.70 -25.44
N GLN A 90 17.66 -32.45 -26.43
CA GLN A 90 19.07 -32.77 -26.56
C GLN A 90 19.85 -31.64 -27.23
N TYR A 91 21.07 -31.40 -26.78
CA TYR A 91 21.92 -30.37 -27.39
C TYR A 91 22.30 -30.77 -28.83
N GLY A 92 22.58 -29.79 -29.67
CA GLY A 92 23.00 -30.07 -31.04
C GLY A 92 24.37 -30.72 -31.01
N ASP A 93 25.23 -30.23 -30.12
CA ASP A 93 26.57 -30.78 -29.97
C ASP A 93 26.80 -31.11 -28.50
N SER A 94 27.21 -32.35 -28.24
CA SER A 94 27.48 -32.85 -26.90
C SER A 94 28.35 -31.92 -26.05
N ALA A 95 29.37 -31.32 -26.66
CA ALA A 95 30.27 -30.40 -25.97
C ALA A 95 29.56 -29.26 -25.21
N ARG A 96 28.37 -28.91 -25.69
CA ARG A 96 27.56 -27.85 -25.07
C ARG A 96 27.15 -28.25 -23.63
N GLN A 97 27.05 -29.55 -23.37
CA GLN A 97 26.72 -30.05 -22.05
C GLN A 97 27.71 -29.54 -21.02
N ASP A 98 29.00 -29.59 -21.37
CA ASP A 98 30.05 -29.14 -20.47
C ASP A 98 29.99 -27.63 -20.27
N ASP A 99 29.59 -26.92 -21.32
CA ASP A 99 29.44 -25.48 -21.26
C ASP A 99 28.29 -25.13 -20.28
N ALA A 100 27.15 -25.78 -20.48
CA ALA A 100 25.99 -25.59 -19.62
C ALA A 100 26.35 -25.81 -18.16
N ARG A 101 27.04 -26.93 -17.89
CA ARG A 101 27.46 -27.27 -16.52
C ARG A 101 28.35 -26.19 -15.95
N LYS A 102 29.23 -25.66 -16.77
CA LYS A 102 30.12 -24.61 -16.28
C LYS A 102 29.37 -23.32 -16.06
N LEU A 103 28.52 -22.96 -17.01
CA LEU A 103 27.74 -21.72 -16.91
C LEU A 103 26.92 -21.67 -15.62
N HIS A 105 27.54 -23.23 -12.80
CA HIS A 105 28.38 -23.09 -11.62
C HIS A 105 28.79 -21.63 -11.49
N ALA A 107 27.27 -19.00 -12.72
CA ALA A 107 26.08 -18.21 -12.39
C ALA A 107 25.95 -17.89 -10.90
N ASP A 108 26.18 -18.88 -10.05
CA ASP A 108 26.09 -18.64 -8.60
C ASP A 108 27.47 -18.60 -7.99
N THR A 109 28.41 -17.98 -8.69
CA THR A 109 29.78 -17.84 -8.22
C THR A 109 30.20 -16.40 -8.49
N ILE A 110 29.91 -15.91 -9.69
CA ILE A 110 30.26 -14.53 -10.06
C ILE A 110 29.29 -13.52 -9.42
N GLU A 111 29.74 -12.27 -9.33
CA GLU A 111 28.96 -11.17 -8.76
C GLU A 111 27.75 -10.89 -9.64
N GLU A 112 26.63 -10.50 -9.03
CA GLU A 112 25.44 -10.19 -9.79
C GLU A 112 25.77 -9.05 -10.76
N GLY A 113 25.19 -9.11 -11.95
CA GLY A 113 25.40 -8.06 -12.94
C GLY A 113 26.70 -8.02 -13.72
N THR A 114 27.54 -9.03 -13.57
CA THR A 114 28.80 -9.07 -14.30
C THR A 114 28.78 -10.09 -15.45
N PRO A 116 31.80 -12.02 -17.35
CA PRO A 116 33.19 -12.35 -17.69
C PRO A 116 33.31 -12.88 -19.13
N LYS A 117 34.49 -12.68 -19.73
CA LYS A 117 34.73 -13.16 -21.09
C LYS A 117 34.44 -14.66 -21.20
N GLU A 118 34.84 -15.41 -20.19
CA GLU A 118 34.59 -16.84 -20.18
C GLU A 118 33.08 -17.14 -20.23
N SER A 120 30.50 -15.02 -21.40
CA SER A 120 29.95 -14.65 -22.70
C SER A 120 30.35 -15.65 -23.76
N ASP A 121 31.59 -16.15 -23.71
CA ASP A 121 32.06 -17.13 -24.68
C ASP A 121 31.16 -18.36 -24.64
N ILE A 122 30.91 -18.87 -23.44
CA ILE A 122 30.02 -20.02 -23.27
C ILE A 122 28.63 -19.67 -23.78
N ILE A 123 28.11 -18.51 -23.40
CA ILE A 123 26.76 -18.09 -23.82
C ILE A 123 26.64 -17.98 -25.33
N GLN A 124 27.64 -17.41 -26.02
CA GLN A 124 27.59 -17.31 -27.48
C GLN A 124 27.61 -18.69 -28.15
N ARG A 125 28.39 -19.62 -27.57
CA ARG A 125 28.45 -20.97 -28.10
C ARG A 125 27.08 -21.64 -27.94
N LEU A 126 26.49 -21.51 -26.74
CA LEU A 126 25.17 -22.08 -26.45
C LEU A 126 24.12 -21.48 -27.37
N TRP A 127 24.15 -20.16 -27.54
CA TRP A 127 23.18 -19.49 -28.40
C TRP A 127 23.16 -20.06 -29.82
N LYS A 128 24.33 -20.44 -30.31
CA LYS A 128 24.47 -21.00 -31.67
C LYS A 128 24.00 -22.45 -31.84
N ASP A 129 23.86 -23.18 -30.74
CA ASP A 129 23.45 -24.60 -30.77
C ASP A 129 21.98 -24.74 -31.20
N SER A 130 21.71 -25.75 -32.03
CA SER A 130 20.39 -26.00 -32.55
C SER A 130 19.39 -26.49 -31.49
N GLY A 131 19.89 -27.23 -30.50
CA GLY A 131 19.06 -27.71 -29.40
C GLY A 131 18.59 -26.49 -28.62
N ILE A 132 19.55 -25.62 -28.27
CA ILE A 132 19.25 -24.38 -27.56
C ILE A 132 18.21 -23.58 -28.38
N GLN A 133 18.45 -23.41 -29.68
CA GLN A 133 17.52 -22.71 -30.56
C GLN A 133 16.12 -23.36 -30.61
N ALA A 134 16.07 -24.69 -30.57
CA ALA A 134 14.79 -25.38 -30.57
C ALA A 134 14.07 -25.12 -29.24
N CYS A 135 14.84 -25.11 -28.15
CA CYS A 135 14.30 -24.86 -26.81
C CYS A 135 13.82 -23.42 -26.73
N PHE A 136 14.62 -22.49 -27.24
CA PHE A 136 14.26 -21.06 -27.24
C PHE A 136 12.90 -20.86 -27.94
N ASP A 137 12.69 -21.53 -29.07
CA ASP A 137 11.44 -21.40 -29.81
C ASP A 137 10.23 -21.93 -29.02
N ARG A 138 10.49 -22.73 -28.00
CA ARG A 138 9.44 -23.31 -27.18
C ARG A 138 9.37 -22.57 -25.84
N ALA A 139 9.62 -21.26 -25.88
CA ALA A 139 9.62 -20.41 -24.68
C ALA A 139 8.27 -20.42 -23.92
N SER A 140 7.17 -20.53 -24.68
CA SER A 140 5.82 -20.59 -24.13
C SER A 140 5.68 -21.65 -23.04
N GLU A 141 6.46 -22.73 -23.14
CA GLU A 141 6.42 -23.83 -22.18
C GLU A 141 7.16 -23.62 -20.87
N TYR A 142 7.91 -22.52 -20.76
CA TYR A 142 8.62 -22.20 -19.53
C TYR A 142 8.55 -20.70 -19.36
N GLN A 143 9.27 -20.15 -18.40
CA GLN A 143 9.24 -18.72 -18.14
C GLN A 143 10.50 -18.06 -18.67
N LEU A 144 10.35 -17.27 -19.73
CA LEU A 144 11.49 -16.60 -20.35
C LEU A 144 11.23 -15.11 -20.58
N ASN A 145 12.22 -14.29 -20.22
CA ASN A 145 12.17 -12.84 -20.40
C ASN A 145 11.86 -12.54 -21.87
N ASP A 146 11.13 -11.45 -22.11
CA ASP A 146 10.75 -11.03 -23.45
C ASP A 146 11.97 -10.63 -24.30
N SER A 147 12.98 -10.09 -23.64
CA SER A 147 14.21 -9.62 -24.29
C SER A 147 15.32 -10.66 -24.45
N ALA A 148 14.99 -11.91 -24.16
CA ALA A 148 15.98 -12.97 -24.24
C ALA A 148 16.72 -12.97 -25.59
N GLY A 149 15.97 -13.12 -26.68
CA GLY A 149 16.56 -13.14 -28.00
C GLY A 149 17.30 -11.85 -28.33
N TYR A 150 16.69 -10.74 -27.94
CA TYR A 150 17.27 -9.43 -28.16
C TYR A 150 18.70 -9.33 -27.66
N TYR A 151 18.90 -9.58 -26.38
CA TYR A 151 20.23 -9.48 -25.80
C TYR A 151 21.16 -10.62 -26.24
N LEU A 152 20.66 -11.85 -26.21
CA LEU A 152 21.48 -12.99 -26.59
C LEU A 152 21.98 -12.93 -28.04
N SER A 153 21.17 -12.39 -28.93
CA SER A 153 21.54 -12.28 -30.33
C SER A 153 22.58 -11.18 -30.56
N ASP A 154 22.77 -10.32 -29.57
CA ASP A 154 23.71 -9.24 -29.77
C ASP A 154 24.72 -9.18 -28.64
N LEU A 155 24.98 -10.33 -28.05
CA LEU A 155 25.89 -10.41 -26.92
C LEU A 155 27.31 -9.89 -27.13
N GLU A 156 27.85 -10.06 -28.34
CA GLU A 156 29.21 -9.61 -28.65
C GLU A 156 29.31 -8.11 -28.44
N ARG A 157 28.34 -7.37 -28.96
CA ARG A 157 28.31 -5.92 -28.82
C ARG A 157 28.29 -5.51 -27.36
N LEU A 158 27.44 -6.18 -26.60
CA LEU A 158 27.29 -5.89 -25.17
C LEU A 158 28.57 -6.05 -24.37
N VAL A 159 29.44 -6.97 -24.79
CA VAL A 159 30.70 -7.18 -24.07
C VAL A 159 31.96 -6.54 -24.67
N THR A 160 31.81 -5.83 -25.78
CA THR A 160 32.95 -5.17 -26.41
C THR A 160 33.35 -3.97 -25.56
N PRO A 161 34.64 -3.84 -25.18
CA PRO A 161 35.10 -2.71 -24.37
C PRO A 161 34.63 -1.39 -24.95
N GLY A 162 34.35 -0.42 -24.08
CA GLY A 162 33.83 0.85 -24.54
C GLY A 162 32.31 0.81 -24.76
N TYR A 163 31.71 -0.37 -24.56
CA TYR A 163 30.26 -0.57 -24.72
C TYR A 163 29.45 0.41 -23.85
N VAL A 164 28.47 1.05 -24.46
CA VAL A 164 27.59 1.98 -23.77
C VAL A 164 26.19 1.62 -24.20
N PRO A 165 25.31 1.27 -23.24
CA PRO A 165 23.94 0.90 -23.60
C PRO A 165 23.21 1.96 -24.40
N THR A 166 22.52 1.52 -25.44
CA THR A 166 21.74 2.42 -26.28
C THR A 166 20.35 2.57 -25.60
N GLU A 167 19.50 3.45 -26.14
CA GLU A 167 18.18 3.63 -25.58
C GLU A 167 17.39 2.32 -25.70
N GLN A 168 17.53 1.64 -26.85
CA GLN A 168 16.83 0.37 -27.05
C GLN A 168 17.30 -0.67 -26.06
N ASP A 169 18.60 -0.68 -25.76
CA ASP A 169 19.15 -1.62 -24.77
C ASP A 169 18.48 -1.30 -23.42
N VAL A 170 18.42 0.00 -23.08
CA VAL A 170 17.81 0.44 -21.82
C VAL A 170 16.32 0.05 -21.78
N LEU A 171 15.60 0.35 -22.86
CA LEU A 171 14.18 0.01 -22.97
C LEU A 171 13.89 -1.48 -22.81
N ARG A 172 14.81 -2.32 -23.31
CA ARG A 172 14.66 -3.75 -23.25
C ARG A 172 15.00 -4.32 -21.89
N SER A 173 15.49 -3.49 -20.99
CA SER A 173 15.87 -4.00 -19.67
C SER A 173 14.67 -4.22 -18.73
N ARG A 174 14.91 -4.96 -17.65
CA ARG A 174 13.91 -5.29 -16.64
C ARG A 174 14.54 -5.30 -15.25
N VAL A 175 14.13 -4.39 -14.37
CA VAL A 175 14.69 -4.34 -13.02
C VAL A 175 13.64 -4.54 -11.95
N LYS A 176 13.96 -5.33 -10.93
CA LYS A 176 13.04 -5.57 -9.82
C LYS A 176 13.06 -4.39 -8.88
N THR A 177 11.89 -3.81 -8.63
CA THR A 177 11.76 -2.67 -7.73
C THR A 177 10.46 -2.76 -6.92
N THR A 178 10.38 -1.97 -5.86
CA THR A 178 9.18 -1.95 -5.04
C THR A 178 8.76 -0.50 -4.88
N GLY A 179 7.46 -0.26 -4.76
CA GLY A 179 7.00 1.11 -4.58
C GLY A 179 6.50 1.70 -5.86
N ILE A 180 5.67 2.72 -5.74
CA ILE A 180 5.11 3.39 -6.90
C ILE A 180 6.18 4.22 -7.62
N ILE A 181 6.07 4.26 -8.94
CA ILE A 181 6.99 5.04 -9.76
C ILE A 181 6.20 6.12 -10.45
N GLU A 182 6.66 7.36 -10.35
CA GLU A 182 5.99 8.46 -11.02
C GLU A 182 6.96 9.24 -11.87
N THR A 183 6.49 9.68 -13.03
CA THR A 183 7.27 10.49 -13.94
C THR A 183 6.45 11.76 -14.19
N GLN A 184 7.11 12.90 -14.19
CA GLN A 184 6.45 14.16 -14.42
C GLN A 184 7.11 14.88 -15.58
N PHE A 185 6.33 15.48 -16.47
CA PHE A 185 6.88 16.21 -17.61
C PHE A 185 5.89 17.22 -18.19
N SER A 186 6.39 18.07 -19.09
CA SER A 186 5.53 19.04 -19.76
C SER A 186 5.34 18.59 -21.18
N PHE A 187 4.13 18.81 -21.69
CA PHE A 187 3.79 18.42 -23.03
C PHE A 187 2.50 19.12 -23.40
N LYS A 188 2.52 19.74 -24.58
CA LYS A 188 1.38 20.48 -25.12
C LYS A 188 0.91 21.58 -24.19
N ASP A 189 1.88 22.25 -23.58
CA ASP A 189 1.63 23.35 -22.68
C ASP A 189 0.85 22.97 -21.44
N LEU A 190 1.03 21.73 -21.00
CA LEU A 190 0.37 21.20 -19.79
C LEU A 190 1.37 20.36 -19.01
N ASN A 191 1.07 20.13 -17.73
CA ASN A 191 1.92 19.30 -16.91
C ASN A 191 1.31 17.90 -16.92
N PHE A 192 2.17 16.90 -16.93
CA PHE A 192 1.74 15.51 -16.91
C PHE A 192 2.38 14.79 -15.75
N ARG A 193 1.60 13.91 -15.13
CA ARG A 193 2.05 13.08 -14.02
C ARG A 193 1.53 11.69 -14.37
N PHE A 195 1.92 7.57 -13.41
CA PHE A 195 2.39 6.67 -12.35
C PHE A 195 2.03 5.20 -12.57
N ASP A 196 2.90 4.37 -12.06
CA ASP A 196 2.81 2.93 -12.18
C ASP A 196 3.02 2.48 -10.74
N VAL A 197 2.06 1.74 -10.18
CA VAL A 197 2.20 1.31 -8.79
C VAL A 197 3.36 0.35 -8.52
N GLY A 198 3.88 -0.26 -9.59
CA GLY A 198 5.00 -1.18 -9.48
C GLY A 198 4.88 -2.31 -8.50
N GLY A 199 6.00 -2.62 -7.83
CA GLY A 199 6.02 -3.68 -6.84
C GLY A 199 5.18 -3.27 -5.66
N GLN A 200 3.94 -3.75 -5.65
CA GLN A 200 3.02 -3.45 -4.58
C GLN A 200 2.48 -4.77 -4.08
N ARG A 201 3.13 -5.33 -3.06
CA ARG A 201 2.67 -6.60 -2.48
C ARG A 201 1.66 -6.29 -1.38
N SER A 202 0.38 -6.34 -1.75
CA SER A 202 -0.73 -6.03 -0.86
C SER A 202 -2.04 -6.18 -1.62
N GLU A 203 -3.16 -5.96 -0.94
CA GLU A 203 -4.46 -6.08 -1.58
C GLU A 203 -4.89 -4.76 -2.23
N ARG A 204 -5.12 -4.80 -3.53
CA ARG A 204 -5.53 -3.63 -4.31
C ARG A 204 -6.71 -2.85 -3.75
N LYS A 205 -7.73 -3.54 -3.24
CA LYS A 205 -8.91 -2.88 -2.65
C LYS A 205 -8.54 -1.80 -1.60
N LYS A 206 -7.45 -2.02 -0.87
CA LYS A 206 -7.01 -1.07 0.13
C LYS A 206 -6.33 0.19 -0.42
N TRP A 207 -5.96 0.20 -1.70
CA TRP A 207 -5.27 1.38 -2.26
C TRP A 207 -5.80 1.94 -3.59
N ILE A 208 -6.63 1.16 -4.27
CA ILE A 208 -7.18 1.59 -5.54
C ILE A 208 -7.98 2.91 -5.48
N HIS A 209 -8.58 3.21 -4.34
CA HIS A 209 -9.36 4.44 -4.19
C HIS A 209 -8.48 5.68 -4.25
N CYS A 210 -7.19 5.48 -4.01
CA CYS A 210 -6.23 6.58 -4.06
C CYS A 210 -6.20 7.22 -5.45
N PHE A 211 -6.65 6.49 -6.46
CA PHE A 211 -6.62 6.99 -7.83
C PHE A 211 -7.95 7.50 -8.37
N GLU A 212 -8.94 7.63 -7.49
CA GLU A 212 -10.23 8.15 -7.88
C GLU A 212 -9.96 9.56 -8.40
N GLY A 213 -10.53 9.89 -9.53
CA GLY A 213 -10.34 11.22 -10.08
C GLY A 213 -9.17 11.40 -11.05
N VAL A 214 -8.39 10.36 -11.34
CA VAL A 214 -7.30 10.55 -12.30
C VAL A 214 -7.91 10.91 -13.63
N THR A 215 -7.15 11.66 -14.43
CA THR A 215 -7.60 12.07 -15.76
C THR A 215 -7.92 10.89 -16.68
N ALA A 216 -7.06 9.87 -16.66
CA ALA A 216 -7.30 8.68 -17.48
C ALA A 216 -6.46 7.49 -17.04
N ILE A 217 -6.91 6.29 -17.39
CA ILE A 217 -6.19 5.06 -17.07
C ILE A 217 -5.73 4.46 -18.40
N ILE A 218 -4.45 4.09 -18.45
CA ILE A 218 -3.91 3.45 -19.66
C ILE A 218 -3.69 2.02 -19.23
N PHE A 219 -4.49 1.11 -19.76
CA PHE A 219 -4.39 -0.27 -19.38
C PHE A 219 -3.57 -1.06 -20.40
N CYS A 220 -2.42 -1.57 -19.96
CA CYS A 220 -1.52 -2.36 -20.83
C CYS A 220 -1.80 -3.86 -20.82
N VAL A 221 -1.93 -4.42 -22.02
CA VAL A 221 -2.18 -5.84 -22.24
C VAL A 221 -1.09 -6.34 -23.20
N ALA A 222 -0.43 -7.44 -22.84
CA ALA A 222 0.60 -8.06 -23.68
C ALA A 222 -0.10 -9.06 -24.56
N LEU A 223 -0.31 -8.67 -25.81
CA LEU A 223 -0.98 -9.52 -26.81
C LEU A 223 -0.37 -10.90 -26.91
N SER A 224 0.95 -10.97 -26.77
CA SER A 224 1.66 -12.25 -26.89
C SER A 224 1.51 -13.23 -25.72
N ASP A 225 0.90 -12.79 -24.62
CA ASP A 225 0.68 -13.66 -23.46
C ASP A 225 -0.39 -14.73 -23.70
N TYR A 226 -1.04 -14.70 -24.84
CA TYR A 226 -2.11 -15.64 -25.13
C TYR A 226 -1.86 -17.15 -24.98
N ASP A 227 -0.60 -17.54 -24.82
CA ASP A 227 -0.29 -18.95 -24.66
C ASP A 227 0.69 -19.19 -23.53
N LEU A 228 0.86 -18.17 -22.69
CA LEU A 228 1.78 -18.24 -21.56
C LEU A 228 1.02 -18.43 -20.26
N VAL A 229 1.74 -18.83 -19.21
CA VAL A 229 1.15 -19.03 -17.89
C VAL A 229 1.94 -18.26 -16.85
N LEU A 230 1.35 -18.15 -15.67
CA LEU A 230 1.94 -17.42 -14.54
C LEU A 230 3.11 -18.18 -13.99
N ALA A 231 4.17 -17.44 -13.65
CA ALA A 231 5.36 -18.04 -13.07
C ALA A 231 4.97 -18.67 -11.75
N GLU A 232 4.30 -17.89 -10.91
CA GLU A 232 3.87 -18.38 -9.61
C GLU A 232 2.72 -19.38 -9.69
N ASP A 233 1.95 -19.35 -10.79
CA ASP A 233 0.85 -20.30 -10.96
C ASP A 233 0.76 -20.77 -12.39
N GLU A 234 1.42 -21.88 -12.67
CA GLU A 234 1.46 -22.48 -14.01
C GLU A 234 0.17 -23.17 -14.48
N GLU A 235 -0.95 -22.70 -13.93
CA GLU A 235 -2.26 -23.21 -14.28
C GLU A 235 -3.08 -22.02 -14.73
N ASN A 237 -3.65 -18.98 -17.08
CA ASN A 237 -3.28 -18.42 -18.38
C ASN A 237 -3.06 -16.92 -18.14
N ARG A 238 -1.96 -16.39 -18.65
CA ARG A 238 -1.67 -14.97 -18.44
C ARG A 238 -2.72 -14.01 -18.99
N HIS A 240 -6.01 -14.61 -19.37
CA HIS A 240 -7.21 -14.76 -18.54
C HIS A 240 -7.02 -13.90 -17.29
N GLU A 241 -5.81 -13.97 -16.71
CA GLU A 241 -5.44 -13.20 -15.53
C GLU A 241 -5.56 -11.71 -15.80
N SER A 242 -5.09 -11.32 -16.98
CA SER A 242 -5.13 -9.93 -17.44
C SER A 242 -6.58 -9.50 -17.63
N LYS A 244 -9.19 -10.70 -15.97
CA LYS A 244 -9.78 -10.55 -14.65
C LYS A 244 -9.36 -9.21 -14.08
N LEU A 245 -8.10 -8.81 -14.30
CA LEU A 245 -7.62 -7.55 -13.80
C LEU A 245 -8.41 -6.42 -14.41
N PHE A 246 -8.58 -6.45 -15.75
CA PHE A 246 -9.32 -5.41 -16.45
C PHE A 246 -10.78 -5.32 -15.98
N ASP A 247 -11.43 -6.48 -15.88
CA ASP A 247 -12.82 -6.59 -15.41
C ASP A 247 -12.92 -5.89 -14.04
N SER A 248 -12.03 -6.28 -13.13
CA SER A 248 -12.01 -5.68 -11.82
C SER A 248 -11.83 -4.16 -11.81
N ILE A 249 -10.90 -3.66 -12.63
CA ILE A 249 -10.60 -2.23 -12.72
C ILE A 249 -11.68 -1.42 -13.44
N CYS A 250 -12.06 -1.89 -14.63
CA CYS A 250 -13.04 -1.20 -15.44
C CYS A 250 -14.39 -1.00 -14.74
N ASN A 251 -14.82 -2.02 -14.00
CA ASN A 251 -16.10 -2.00 -13.29
C ASN A 251 -16.03 -1.66 -11.82
N ASN A 252 -14.93 -1.05 -11.42
CA ASN A 252 -14.69 -0.64 -10.07
C ASN A 252 -15.49 0.63 -9.76
N LYS A 253 -16.01 0.71 -8.54
CA LYS A 253 -16.82 1.87 -8.14
C LYS A 253 -16.06 3.20 -8.16
N TRP A 254 -14.73 3.16 -8.08
CA TRP A 254 -13.94 4.40 -8.06
C TRP A 254 -13.64 4.95 -9.44
N PHE A 255 -14.02 4.23 -10.49
CA PHE A 255 -13.72 4.66 -11.87
C PHE A 255 -14.93 4.62 -12.78
N THR A 256 -16.13 4.91 -12.25
CA THR A 256 -17.36 4.85 -13.05
C THR A 256 -17.35 5.75 -14.28
N ASP A 257 -16.72 6.90 -14.17
CA ASP A 257 -16.69 7.82 -15.30
C ASP A 257 -15.27 8.14 -15.80
N THR A 258 -14.32 7.28 -15.45
CA THR A 258 -12.94 7.49 -15.85
C THR A 258 -12.62 7.15 -17.30
N SER A 259 -11.81 7.99 -17.94
CA SER A 259 -11.39 7.72 -19.32
C SER A 259 -10.37 6.58 -19.26
N ILE A 260 -10.67 5.49 -19.95
CA ILE A 260 -9.80 4.32 -19.99
C ILE A 260 -9.34 4.06 -21.42
N ILE A 261 -8.04 3.85 -21.59
CA ILE A 261 -7.48 3.57 -22.91
C ILE A 261 -6.78 2.23 -22.84
N LEU A 262 -7.02 1.41 -23.84
CA LEU A 262 -6.40 0.09 -23.88
C LEU A 262 -5.16 0.05 -24.80
N PHE A 263 -4.01 -0.32 -24.26
CA PHE A 263 -2.80 -0.46 -25.06
C PHE A 263 -2.62 -1.94 -25.30
N LEU A 264 -2.91 -2.40 -26.51
CA LEU A 264 -2.73 -3.82 -26.82
C LEU A 264 -1.26 -3.86 -27.26
N ASN A 265 -0.40 -4.10 -26.27
CA ASN A 265 1.06 -4.06 -26.41
C ASN A 265 1.75 -5.33 -26.95
N LYS A 266 3.04 -5.20 -27.26
CA LYS A 266 3.86 -6.29 -27.79
C LYS A 266 3.32 -6.81 -29.11
N LYS A 267 2.82 -5.90 -29.95
CA LYS A 267 2.26 -6.31 -31.22
C LYS A 267 3.29 -6.95 -32.16
N ASP A 268 4.56 -6.61 -31.95
CA ASP A 268 5.69 -7.15 -32.72
C ASP A 268 5.89 -8.62 -32.37
N LEU A 269 5.86 -8.95 -31.07
CA LEU A 269 6.02 -10.34 -30.64
C LEU A 269 4.77 -11.13 -31.03
N PHE A 270 3.61 -10.47 -30.89
CA PHE A 270 2.35 -11.07 -31.24
C PHE A 270 2.32 -11.45 -32.72
N GLU A 271 2.68 -10.51 -33.59
CA GLU A 271 2.70 -10.73 -35.05
C GLU A 271 3.49 -11.98 -35.46
N GLU A 272 4.58 -12.24 -34.76
CA GLU A 272 5.39 -13.42 -35.03
C GLU A 272 4.76 -14.66 -34.41
N LYS A 273 4.35 -14.54 -33.15
CA LYS A 273 3.76 -15.68 -32.45
C LYS A 273 2.48 -16.19 -33.10
N ILE A 274 1.62 -15.28 -33.55
CA ILE A 274 0.35 -15.70 -34.14
C ILE A 274 0.52 -16.64 -35.32
N LYS A 275 1.72 -16.64 -35.92
CA LYS A 275 1.99 -17.56 -37.04
C LYS A 275 2.38 -18.94 -36.49
N LYS A 276 2.69 -19.01 -35.20
CA LYS A 276 3.08 -20.27 -34.58
C LYS A 276 2.02 -20.86 -33.64
N SER A 277 1.48 -20.05 -32.72
CA SER A 277 0.48 -20.54 -31.76
C SER A 277 -0.96 -20.19 -32.04
N PRO A 278 -1.85 -21.17 -31.95
CA PRO A 278 -3.28 -20.93 -32.20
C PRO A 278 -3.90 -20.17 -31.02
N LEU A 279 -4.64 -19.11 -31.34
CA LEU A 279 -5.30 -18.30 -30.31
C LEU A 279 -6.22 -19.14 -29.41
N THR A 280 -6.72 -20.24 -29.96
CA THR A 280 -7.59 -21.16 -29.24
C THR A 280 -6.95 -21.67 -27.95
N ILE A 281 -5.63 -21.51 -27.84
CA ILE A 281 -4.94 -21.92 -26.63
C ILE A 281 -5.55 -21.03 -25.52
N CYS A 282 -5.84 -19.78 -25.87
CA CYS A 282 -6.44 -18.86 -24.89
C CYS A 282 -7.97 -18.94 -24.95
N TYR A 283 -8.54 -18.81 -26.16
CA TYR A 283 -9.99 -18.84 -26.36
C TYR A 283 -10.38 -20.07 -27.18
N PRO A 284 -10.67 -21.20 -26.50
CA PRO A 284 -11.05 -22.45 -27.16
C PRO A 284 -12.16 -22.29 -28.18
N GLU A 285 -13.07 -21.36 -27.89
CA GLU A 285 -14.21 -21.11 -28.75
C GLU A 285 -13.89 -20.32 -30.02
N TYR A 286 -12.67 -19.77 -30.09
CA TYR A 286 -12.27 -18.97 -31.23
C TYR A 286 -12.39 -19.72 -32.55
N ALA A 287 -13.06 -19.11 -33.52
CA ALA A 287 -13.27 -19.74 -34.82
C ALA A 287 -12.74 -18.89 -35.94
N GLY A 288 -12.00 -17.85 -35.59
CA GLY A 288 -11.46 -17.00 -36.63
C GLY A 288 -10.16 -17.60 -37.15
N SER A 289 -9.52 -16.86 -38.04
CA SER A 289 -8.28 -17.28 -38.62
C SER A 289 -7.20 -16.75 -37.71
N ASN A 290 -6.20 -17.58 -37.47
CA ASN A 290 -5.11 -17.19 -36.60
C ASN A 290 -4.16 -16.24 -37.32
N THR A 291 -4.67 -15.05 -37.63
CA THR A 291 -3.89 -14.02 -38.29
C THR A 291 -3.79 -12.80 -37.36
N TYR A 292 -2.74 -12.00 -37.54
CA TYR A 292 -2.50 -10.80 -36.75
C TYR A 292 -3.72 -9.87 -36.69
N GLU A 293 -4.45 -9.84 -37.80
CA GLU A 293 -5.64 -9.00 -37.94
C GLU A 293 -6.85 -9.53 -37.16
N GLU A 294 -7.28 -10.73 -37.52
CA GLU A 294 -8.45 -11.34 -36.91
C GLU A 294 -8.21 -11.57 -35.44
N ALA A 295 -7.18 -12.35 -35.13
CA ALA A 295 -6.83 -12.70 -33.76
C ALA A 295 -6.62 -11.49 -32.83
N GLY A 296 -5.94 -10.46 -33.33
CA GLY A 296 -5.72 -9.29 -32.51
C GLY A 296 -7.02 -8.54 -32.24
N ASN A 297 -7.92 -8.55 -33.21
CA ASN A 297 -9.22 -7.89 -33.09
C ASN A 297 -10.07 -8.68 -32.11
N TYR A 298 -9.92 -10.01 -32.12
CA TYR A 298 -10.68 -10.86 -31.22
C TYR A 298 -10.31 -10.58 -29.76
N ILE A 299 -9.01 -10.47 -29.50
CA ILE A 299 -8.49 -10.20 -28.16
C ILE A 299 -9.02 -8.84 -27.67
N LYS A 300 -9.01 -7.86 -28.57
CA LYS A 300 -9.48 -6.51 -28.32
C LYS A 300 -10.94 -6.51 -27.89
N VAL A 301 -11.75 -7.27 -28.61
CA VAL A 301 -13.18 -7.40 -28.31
C VAL A 301 -13.41 -8.09 -26.97
N GLN A 302 -12.63 -9.11 -26.66
CA GLN A 302 -12.75 -9.83 -25.41
C GLN A 302 -12.58 -8.90 -24.22
N PHE A 303 -11.64 -7.95 -24.32
CA PHE A 303 -11.40 -7.00 -23.25
C PHE A 303 -12.48 -5.90 -23.19
N LEU A 304 -12.83 -5.35 -24.34
CA LEU A 304 -13.82 -4.29 -24.40
C LEU A 304 -15.20 -4.74 -23.88
N GLU A 305 -15.55 -6.00 -24.12
CA GLU A 305 -16.81 -6.60 -23.68
C GLU A 305 -16.93 -6.78 -22.17
N LEU A 306 -15.81 -6.59 -21.46
CA LEU A 306 -15.80 -6.72 -20.01
C LEU A 306 -16.35 -5.45 -19.37
N ASN A 307 -16.46 -4.37 -20.15
CA ASN A 307 -16.95 -3.08 -19.67
C ASN A 307 -18.48 -3.09 -19.46
N ARG A 309 -19.93 -0.77 -17.44
CA ARG A 309 -20.23 0.56 -16.88
C ARG A 309 -21.47 1.24 -17.41
N ARG A 310 -22.13 1.97 -16.52
CA ARG A 310 -23.35 2.70 -16.84
C ARG A 310 -22.98 3.79 -17.85
N ASP A 311 -21.87 4.48 -17.58
CA ASP A 311 -21.40 5.51 -18.49
C ASP A 311 -20.70 4.72 -19.61
N VAL A 312 -21.37 4.67 -20.76
CA VAL A 312 -20.88 3.95 -21.92
C VAL A 312 -19.83 4.70 -22.75
N LYS A 313 -19.16 5.68 -22.16
CA LYS A 313 -18.13 6.42 -22.88
C LYS A 313 -17.11 5.39 -23.46
N GLU A 314 -16.73 5.57 -24.72
CA GLU A 314 -15.81 4.65 -25.39
C GLU A 314 -14.45 4.43 -24.73
N ILE A 315 -14.02 3.19 -24.75
CA ILE A 315 -12.71 2.82 -24.22
C ILE A 315 -11.87 2.61 -25.48
N TYR A 316 -11.01 3.61 -25.76
CA TYR A 316 -10.16 3.58 -26.93
C TYR A 316 -9.11 2.49 -26.84
N SER A 317 -8.82 1.88 -27.98
CA SER A 317 -7.85 0.81 -28.08
C SER A 317 -6.69 1.20 -29.02
N HIS A 318 -5.48 0.73 -28.71
CA HIS A 318 -4.31 0.98 -29.58
C HIS A 318 -3.42 -0.23 -29.55
N THR A 320 0.13 -1.42 -29.78
CA THR A 320 1.40 -0.74 -29.53
C THR A 320 2.62 -1.64 -29.38
N CYS A 321 3.80 -1.03 -29.50
CA CYS A 321 5.05 -1.73 -29.28
C CYS A 321 5.73 -0.74 -28.37
N ALA A 322 5.68 -1.01 -27.07
CA ALA A 322 6.22 -0.10 -26.08
C ALA A 322 7.71 0.17 -26.19
N THR A 323 8.44 -0.78 -26.79
CA THR A 323 9.89 -0.65 -26.94
C THR A 323 10.27 0.18 -28.17
N ASP A 324 9.28 0.50 -28.98
CA ASP A 324 9.47 1.29 -30.19
C ASP A 324 9.12 2.73 -29.85
N THR A 325 10.13 3.56 -29.67
CA THR A 325 9.92 4.97 -29.34
C THR A 325 9.02 5.76 -30.29
N GLN A 326 9.16 5.55 -31.61
CA GLN A 326 8.32 6.27 -32.57
C GLN A 326 6.87 5.87 -32.45
N ASN A 327 6.61 4.58 -32.25
CA ASN A 327 5.25 4.08 -32.12
C ASN A 327 4.60 4.75 -30.90
N VAL A 328 5.28 4.65 -29.76
CA VAL A 328 4.81 5.24 -28.50
C VAL A 328 4.58 6.75 -28.59
N LYS A 329 5.54 7.44 -29.20
CA LYS A 329 5.47 8.87 -29.39
C LYS A 329 4.21 9.23 -30.18
N PHE A 330 3.90 8.40 -31.17
CA PHE A 330 2.75 8.57 -32.05
C PHE A 330 1.42 8.31 -31.32
N VAL A 331 1.35 7.16 -30.65
CA VAL A 331 0.17 6.77 -29.90
C VAL A 331 -0.08 7.77 -28.77
N PHE A 332 0.96 8.09 -28.03
CA PHE A 332 0.79 9.04 -26.95
C PHE A 332 0.29 10.39 -27.46
N ASP A 333 0.68 10.76 -28.68
CA ASP A 333 0.25 12.04 -29.23
C ASP A 333 -1.27 11.95 -29.52
N ALA A 334 -1.71 10.82 -30.05
CA ALA A 334 -3.12 10.63 -30.35
C ALA A 334 -3.92 10.65 -29.04
N VAL A 335 -3.46 9.85 -28.08
CA VAL A 335 -4.08 9.71 -26.77
C VAL A 335 -4.34 11.06 -26.07
N THR A 336 -3.28 11.85 -25.95
CA THR A 336 -3.30 13.16 -25.33
C THR A 336 -4.26 14.14 -26.01
N ASP A 337 -4.41 14.03 -27.32
CA ASP A 337 -5.30 14.91 -28.04
C ASP A 337 -6.74 14.69 -27.55
N ILE A 338 -7.18 13.44 -27.56
CA ILE A 338 -8.54 13.09 -27.12
C ILE A 338 -8.73 13.53 -25.68
N ILE A 339 -7.76 13.25 -24.82
CA ILE A 339 -7.85 13.64 -23.42
C ILE A 339 -8.05 15.16 -23.28
N ILE A 340 -7.18 15.93 -23.91
CA ILE A 340 -7.29 17.37 -23.83
C ILE A 340 -8.62 17.82 -24.41
N LYS A 341 -9.05 17.20 -25.51
CA LYS A 341 -10.31 17.55 -26.15
C LYS A 341 -11.46 16.68 -25.63
N GLU A 342 -11.54 16.47 -24.32
CA GLU A 342 -12.58 15.66 -23.69
C GLU A 342 -12.61 15.88 -22.19
N ASN A 343 -11.48 16.33 -21.64
CA ASN A 343 -11.35 16.61 -20.21
C ASN A 343 -10.73 17.99 -20.05
N SER B 2 -2.34 -35.33 2.58
CA SER B 2 -2.48 -35.44 4.06
C SER B 2 -1.72 -34.40 4.89
N GLU B 3 -0.41 -34.29 4.70
CA GLU B 3 0.39 -33.34 5.48
C GLU B 3 -0.36 -32.02 5.66
N LEU B 4 -0.74 -31.41 4.56
CA LEU B 4 -1.48 -30.15 4.59
C LEU B 4 -2.79 -30.31 5.38
N ASP B 5 -3.57 -31.32 5.01
CA ASP B 5 -4.84 -31.58 5.69
C ASP B 5 -4.68 -31.77 7.19
N GLN B 6 -3.71 -32.60 7.59
CA GLN B 6 -3.47 -32.86 9.01
C GLN B 6 -3.08 -31.56 9.71
N LEU B 7 -2.55 -30.61 8.94
CA LEU B 7 -2.16 -29.32 9.48
C LEU B 7 -3.42 -28.46 9.58
N ARG B 8 -4.28 -28.56 8.56
CA ARG B 8 -5.55 -27.83 8.55
C ARG B 8 -6.35 -28.28 9.78
N GLN B 9 -6.24 -29.57 10.09
CA GLN B 9 -6.92 -30.18 11.22
C GLN B 9 -6.38 -29.67 12.57
N GLU B 10 -5.10 -29.91 12.84
CA GLU B 10 -4.50 -29.49 14.09
C GLU B 10 -4.72 -27.99 14.38
N ALA B 11 -4.77 -27.17 13.34
CA ALA B 11 -4.97 -25.74 13.51
C ALA B 11 -6.38 -25.49 14.03
N GLU B 12 -7.38 -26.01 13.33
CA GLU B 12 -8.78 -25.84 13.71
C GLU B 12 -9.06 -26.38 15.11
N GLN B 13 -8.48 -27.53 15.42
CA GLN B 13 -8.67 -28.13 16.73
C GLN B 13 -8.10 -27.21 17.81
N LEU B 14 -6.95 -26.62 17.53
CA LEU B 14 -6.32 -25.72 18.48
C LEU B 14 -7.16 -24.45 18.62
N LYS B 15 -7.93 -24.11 17.58
CA LYS B 15 -8.78 -22.92 17.59
C LYS B 15 -10.03 -23.12 18.45
N ASN B 16 -10.76 -24.20 18.21
CA ASN B 16 -11.95 -24.50 19.00
C ASN B 16 -11.58 -24.72 20.46
N GLN B 17 -10.28 -24.87 20.70
CA GLN B 17 -9.71 -25.07 22.02
C GLN B 17 -9.45 -23.71 22.67
N ILE B 18 -9.20 -22.70 21.83
CA ILE B 18 -8.92 -21.34 22.30
C ILE B 18 -10.20 -20.71 22.80
N ARG B 19 -11.28 -20.85 22.02
CA ARG B 19 -12.56 -20.28 22.39
C ARG B 19 -13.08 -20.83 23.71
N ASP B 20 -13.08 -22.15 23.86
CA ASP B 20 -13.53 -22.78 25.10
C ASP B 20 -12.77 -22.17 26.28
N ALA B 21 -11.47 -22.00 26.11
CA ALA B 21 -10.65 -21.39 27.17
C ALA B 21 -11.16 -19.97 27.41
N ARG B 22 -11.55 -19.31 26.31
CA ARG B 22 -12.07 -17.96 26.36
C ARG B 22 -13.39 -17.94 27.14
N LYS B 23 -14.30 -18.87 26.81
CA LYS B 23 -15.59 -18.99 27.50
C LYS B 23 -15.39 -19.20 28.99
N ALA B 24 -14.46 -20.11 29.31
CA ALA B 24 -14.13 -20.47 30.68
C ALA B 24 -13.88 -19.25 31.59
N CYS B 25 -13.44 -18.14 31.00
CA CYS B 25 -13.19 -16.93 31.76
C CYS B 25 -14.30 -15.90 31.57
N ALA B 26 -15.27 -16.24 30.71
CA ALA B 26 -16.37 -15.36 30.38
C ALA B 26 -17.54 -15.42 31.36
N ASP B 27 -17.30 -15.08 32.62
CA ASP B 27 -18.32 -15.12 33.67
C ASP B 27 -19.35 -13.99 33.65
N ALA B 28 -19.04 -12.87 33.01
CA ALA B 28 -19.97 -11.72 32.95
C ALA B 28 -19.67 -10.88 31.71
N THR B 29 -20.33 -9.72 31.58
CA THR B 29 -20.09 -8.81 30.47
C THR B 29 -19.89 -7.41 31.03
N LEU B 30 -19.15 -6.57 30.30
CA LEU B 30 -18.88 -5.20 30.74
C LEU B 30 -20.16 -4.40 30.97
N SER B 31 -21.11 -4.51 30.05
CA SER B 31 -22.38 -3.79 30.17
C SER B 31 -23.14 -4.13 31.46
N GLN B 32 -22.95 -5.34 31.95
CA GLN B 32 -23.59 -5.79 33.18
C GLN B 32 -22.89 -5.05 34.30
N ILE B 33 -21.57 -5.12 34.26
CA ILE B 33 -20.74 -4.49 35.29
C ILE B 33 -20.88 -2.96 35.34
N THR B 34 -21.30 -2.35 34.26
CA THR B 34 -21.44 -0.90 34.20
C THR B 34 -22.88 -0.37 34.14
N ASN B 35 -23.85 -1.28 34.27
CA ASN B 35 -25.27 -0.91 34.22
C ASN B 35 -25.71 0.11 35.27
N ASN B 36 -25.00 0.14 36.40
CA ASN B 36 -25.31 1.07 37.49
C ASN B 36 -24.61 2.43 37.31
N ILE B 37 -24.03 2.64 36.13
CA ILE B 37 -23.33 3.88 35.84
C ILE B 37 -24.28 4.83 35.10
N ASP B 38 -24.22 6.13 35.43
CA ASP B 38 -25.07 7.10 34.74
C ASP B 38 -24.53 7.41 33.35
N PRO B 39 -25.42 7.51 32.37
CA PRO B 39 -25.08 7.82 30.97
C PRO B 39 -24.33 9.14 30.91
N VAL B 40 -23.55 9.35 29.86
CA VAL B 40 -22.83 10.61 29.73
C VAL B 40 -23.74 11.65 29.09
N GLY B 41 -24.92 11.25 28.65
CA GLY B 41 -25.82 12.19 28.02
C GLY B 41 -25.41 12.39 26.57
N ARG B 42 -26.03 13.36 25.90
CA ARG B 42 -25.74 13.67 24.52
C ARG B 42 -24.49 14.52 24.47
N ILE B 43 -23.43 13.97 23.88
CA ILE B 43 -22.15 14.69 23.75
C ILE B 43 -22.29 15.63 22.57
N GLN B 44 -22.12 16.92 22.81
CA GLN B 44 -22.27 17.92 21.74
C GLN B 44 -21.03 18.78 21.51
N MET B 45 -20.12 18.34 20.65
CA MET B 45 -18.93 19.13 20.40
C MET B 45 -19.13 20.07 19.21
N ARG B 46 -18.51 21.24 19.27
CA ARG B 46 -18.62 22.19 18.20
C ARG B 46 -17.30 22.31 17.46
N THR B 47 -17.38 22.65 16.19
CA THR B 47 -16.21 22.86 15.37
C THR B 47 -15.57 24.13 15.94
N ARG B 48 -14.33 24.03 16.39
CA ARG B 48 -13.66 25.21 16.93
C ARG B 48 -12.68 25.79 15.91
N ARG B 49 -12.22 24.94 14.99
CA ARG B 49 -11.28 25.33 13.95
C ARG B 49 -11.51 24.47 12.75
N THR B 50 -11.28 25.05 11.58
CA THR B 50 -11.29 24.31 10.33
C THR B 50 -9.94 24.69 9.71
N LEU B 51 -9.05 23.71 9.63
CA LEU B 51 -7.71 23.93 9.08
C LEU B 51 -7.76 23.72 7.57
N ARG B 52 -7.63 24.83 6.85
CA ARG B 52 -7.67 24.85 5.40
C ARG B 52 -6.28 25.13 4.82
N GLY B 53 -5.84 24.28 3.91
CA GLY B 53 -4.53 24.43 3.32
C GLY B 53 -4.20 23.31 2.36
N HIS B 54 -4.67 22.11 2.67
CA HIS B 54 -4.42 20.99 1.81
C HIS B 54 -5.23 21.13 0.52
N LEU B 55 -4.65 20.66 -0.59
CA LEU B 55 -5.30 20.74 -1.89
C LEU B 55 -6.07 19.50 -2.27
N ALA B 56 -5.93 18.43 -1.48
CA ALA B 56 -6.62 17.21 -1.80
C ALA B 56 -7.00 16.43 -0.55
N LYS B 57 -7.40 15.18 -0.72
CA LYS B 57 -7.79 14.32 0.39
C LYS B 57 -6.75 14.19 1.46
N ILE B 58 -7.18 14.29 2.72
CA ILE B 58 -6.27 14.10 3.83
C ILE B 58 -6.38 12.61 4.20
N TYR B 59 -5.24 11.97 4.43
CA TYR B 59 -5.28 10.56 4.75
C TYR B 59 -4.87 10.24 6.16
N ALA B 60 -4.17 11.16 6.80
CA ALA B 60 -3.70 10.91 8.15
C ALA B 60 -3.35 12.18 8.90
N MET B 61 -3.25 12.05 10.23
CA MET B 61 -2.86 13.17 11.07
C MET B 61 -2.38 12.63 12.40
N HIS B 62 -1.62 13.44 13.12
CA HIS B 62 -1.13 13.02 14.41
C HIS B 62 -0.83 14.25 15.25
N TRP B 63 -1.34 14.24 16.48
CA TRP B 63 -1.16 15.34 17.40
C TRP B 63 0.22 15.34 18.00
N GLY B 64 0.78 16.54 18.21
CA GLY B 64 2.07 16.68 18.86
C GLY B 64 1.76 16.52 20.34
N THR B 65 2.71 16.02 21.12
CA THR B 65 2.51 15.81 22.56
C THR B 65 2.21 17.07 23.38
N ASP B 66 2.31 18.24 22.75
CA ASP B 66 2.02 19.50 23.42
C ASP B 66 0.55 19.89 23.25
N SER B 67 -0.19 19.03 22.55
CA SER B 67 -1.61 19.27 22.30
C SER B 67 -1.91 20.58 21.59
N ARG B 68 -0.97 21.03 20.75
CA ARG B 68 -1.16 22.28 20.03
C ARG B 68 -0.76 22.14 18.57
N LEU B 69 0.41 21.53 18.34
CA LEU B 69 0.88 21.30 16.99
C LEU B 69 0.44 19.90 16.60
N LEU B 70 0.13 19.74 15.32
CA LEU B 70 -0.26 18.45 14.78
C LEU B 70 0.23 18.49 13.35
N LEU B 71 0.40 17.32 12.77
CA LEU B 71 0.78 17.25 11.37
C LEU B 71 -0.25 16.41 10.61
N SER B 72 -0.49 16.79 9.36
CA SER B 72 -1.45 16.08 8.52
C SER B 72 -0.80 15.70 7.20
N ALA B 73 -1.24 14.58 6.63
CA ALA B 73 -0.70 14.07 5.37
C ALA B 73 -1.83 13.97 4.37
N SER B 74 -1.58 14.50 3.19
CA SER B 74 -2.55 14.54 2.12
C SER B 74 -1.90 14.05 0.83
N GLN B 75 -2.69 13.51 -0.08
CA GLN B 75 -2.07 13.07 -1.32
C GLN B 75 -1.79 14.22 -2.28
N ASP B 76 -1.85 15.44 -1.76
CA ASP B 76 -1.49 16.61 -2.53
C ASP B 76 0.05 16.63 -2.43
N GLY B 77 0.61 15.62 -1.77
CA GLY B 77 2.05 15.52 -1.61
C GLY B 77 2.62 16.46 -0.57
N LYS B 78 1.82 16.81 0.42
CA LYS B 78 2.28 17.71 1.45
C LYS B 78 2.02 17.16 2.83
N LEU B 79 2.95 17.49 3.71
CA LEU B 79 2.88 17.14 5.11
C LEU B 79 2.86 18.54 5.72
N ILE B 80 1.76 18.93 6.33
CA ILE B 80 1.68 20.27 6.91
C ILE B 80 1.67 20.17 8.43
N ILE B 81 2.39 21.08 9.07
CA ILE B 81 2.45 21.14 10.53
C ILE B 81 1.75 22.46 10.87
N TRP B 82 0.66 22.35 11.62
CA TRP B 82 -0.16 23.48 12.00
C TRP B 82 -0.11 23.81 13.48
N ASP B 83 -0.37 25.07 13.78
CA ASP B 83 -0.48 25.49 15.17
C ASP B 83 -2.00 25.50 15.26
N SER B 84 -2.60 24.49 15.86
CA SER B 84 -4.07 24.43 15.95
C SER B 84 -4.70 25.62 16.67
N TYR B 85 -3.98 26.18 17.64
CA TYR B 85 -4.49 27.34 18.37
C TYR B 85 -4.71 28.53 17.43
N THR B 86 -3.63 28.95 16.78
CA THR B 86 -3.66 30.08 15.86
C THR B 86 -4.05 29.75 14.43
N THR B 87 -3.98 28.47 14.08
CA THR B 87 -4.26 27.96 12.74
C THR B 87 -3.10 28.29 11.78
N ASN B 88 -2.04 28.90 12.32
CA ASN B 88 -0.87 29.24 11.51
C ASN B 88 -0.17 27.97 11.05
N LYS B 89 0.25 27.95 9.79
CA LYS B 89 0.99 26.82 9.22
C LYS B 89 2.46 26.98 9.61
N VAL B 90 3.00 25.97 10.29
CA VAL B 90 4.38 25.98 10.75
C VAL B 90 5.31 25.49 9.65
N HIS B 91 4.88 24.46 8.93
CA HIS B 91 5.64 23.87 7.83
C HIS B 91 4.70 23.31 6.80
N ALA B 92 5.21 23.13 5.59
CA ALA B 92 4.47 22.57 4.47
C ALA B 92 5.55 21.84 3.69
N ILE B 93 5.86 20.62 4.13
CA ILE B 93 6.92 19.79 3.54
C ILE B 93 6.52 19.08 2.24
N PRO B 94 7.24 19.36 1.13
CA PRO B 94 6.95 18.73 -0.17
C PRO B 94 7.58 17.35 -0.12
N LEU B 95 6.78 16.30 -0.24
CA LEU B 95 7.30 14.94 -0.16
C LEU B 95 7.81 14.45 -1.51
N ARG B 96 8.77 13.54 -1.49
CA ARG B 96 9.34 12.98 -2.72
C ARG B 96 8.26 12.19 -3.45
N SER B 97 7.46 11.46 -2.69
CA SER B 97 6.36 10.72 -3.26
C SER B 97 5.13 11.36 -2.63
N SER B 98 4.11 11.64 -3.44
CA SER B 98 2.89 12.28 -2.94
C SER B 98 1.82 11.27 -2.48
N TRP B 99 2.06 9.99 -2.70
CA TRP B 99 1.11 8.95 -2.34
C TRP B 99 1.20 8.44 -0.91
N VAL B 100 1.26 9.39 0.02
CA VAL B 100 1.37 9.14 1.45
C VAL B 100 0.05 8.63 2.05
N MET B 101 0.15 7.73 3.01
CA MET B 101 -1.03 7.16 3.66
C MET B 101 -0.98 7.35 5.19
N THR B 102 0.15 7.80 5.72
CA THR B 102 0.29 7.96 7.15
C THR B 102 1.33 9.00 7.53
N CYS B 103 1.27 9.45 8.78
CA CYS B 103 2.21 10.44 9.31
C CYS B 103 2.23 10.32 10.84
N ALA B 104 3.36 10.65 11.44
CA ALA B 104 3.52 10.56 12.89
C ALA B 104 4.29 11.77 13.34
N TYR B 105 4.11 12.12 14.59
CA TYR B 105 4.79 13.27 15.16
C TYR B 105 5.61 12.63 16.26
N ALA B 106 6.90 12.95 16.32
CA ALA B 106 7.77 12.37 17.33
C ALA B 106 7.44 13.01 18.65
N PRO B 107 7.39 12.22 19.72
CA PRO B 107 7.07 12.73 21.05
C PRO B 107 7.91 13.95 21.38
N SER B 108 9.18 13.90 21.01
CA SER B 108 10.09 15.02 21.27
C SER B 108 9.68 16.25 20.48
N GLY B 109 8.91 16.05 19.41
CA GLY B 109 8.53 17.15 18.56
C GLY B 109 9.68 17.50 17.61
N ASN B 110 10.75 16.73 17.69
CA ASN B 110 11.91 17.00 16.84
C ASN B 110 11.77 16.47 15.41
N TYR B 111 10.97 15.42 15.22
CA TYR B 111 10.80 14.82 13.90
C TYR B 111 9.36 14.45 13.63
N VAL B 112 9.06 14.26 12.35
CA VAL B 112 7.77 13.78 11.89
C VAL B 112 8.20 12.67 10.93
N ALA B 113 7.27 11.82 10.54
CA ALA B 113 7.58 10.72 9.64
C ALA B 113 6.31 10.46 8.87
N CYS B 114 6.43 9.81 7.72
CA CYS B 114 5.30 9.51 6.86
C CYS B 114 5.72 8.56 5.75
N GLY B 115 4.73 8.06 5.01
CA GLY B 115 5.00 7.13 3.92
C GLY B 115 3.69 6.73 3.28
N GLY B 116 3.78 5.94 2.23
CA GLY B 116 2.58 5.53 1.54
C GLY B 116 2.88 4.51 0.49
N LEU B 117 2.40 4.75 -0.73
CA LEU B 117 2.60 3.79 -1.82
C LEU B 117 4.07 3.64 -2.28
N ASP B 118 4.95 4.47 -1.73
CA ASP B 118 6.37 4.39 -2.04
C ASP B 118 7.04 3.29 -1.19
N ASN B 119 6.25 2.67 -0.31
CA ASN B 119 6.71 1.59 0.58
C ASN B 119 7.89 1.98 1.48
N ILE B 120 8.08 3.28 1.67
CA ILE B 120 9.17 3.77 2.50
C ILE B 120 8.63 4.63 3.68
N CYS B 121 9.32 4.61 4.81
CA CYS B 121 8.96 5.46 5.92
C CYS B 121 10.01 6.56 6.00
N SER B 122 9.66 7.77 5.58
CA SER B 122 10.61 8.87 5.62
C SER B 122 10.57 9.66 6.91
N ILE B 123 11.75 9.98 7.44
CA ILE B 123 11.89 10.76 8.67
C ILE B 123 12.36 12.16 8.30
N TYR B 124 11.73 13.20 8.86
CA TYR B 124 12.10 14.59 8.59
C TYR B 124 12.58 15.24 9.86
N ASN B 125 13.60 16.09 9.78
CA ASN B 125 14.09 16.76 10.98
C ASN B 125 13.47 18.15 11.04
N LEU B 126 12.60 18.37 12.01
CA LEU B 126 11.94 19.66 12.15
C LEU B 126 12.87 20.70 12.73
N LYS B 127 13.73 20.28 13.66
CA LYS B 127 14.67 21.19 14.30
C LYS B 127 15.81 21.51 13.34
N THR B 128 15.48 21.93 12.13
CA THR B 128 16.47 22.26 11.13
C THR B 128 15.92 23.31 10.17
N ARG B 129 14.97 22.90 9.32
CA ARG B 129 14.41 23.83 8.35
C ARG B 129 13.02 24.37 8.68
N GLU B 130 12.77 25.61 8.26
CA GLU B 130 11.50 26.28 8.46
C GLU B 130 10.74 26.21 7.14
N GLY B 131 9.40 26.13 7.24
CA GLY B 131 8.57 26.03 6.05
C GLY B 131 8.65 24.62 5.52
N ASN B 132 9.71 24.33 4.78
CA ASN B 132 9.92 22.99 4.26
C ASN B 132 10.76 22.38 5.37
N VAL B 133 11.45 21.29 5.11
CA VAL B 133 12.28 20.68 6.15
C VAL B 133 13.24 19.64 5.57
N ARG B 134 14.20 19.22 6.39
CA ARG B 134 15.21 18.25 5.98
C ARG B 134 14.80 16.79 6.15
N VAL B 135 14.77 16.07 5.04
CA VAL B 135 14.47 14.63 5.04
C VAL B 135 15.71 13.98 5.65
N SER B 136 15.62 13.42 6.86
CA SER B 136 16.80 12.84 7.47
C SER B 136 17.07 11.35 7.27
N ARG B 137 16.05 10.61 6.84
CA ARG B 137 16.23 9.18 6.66
C ARG B 137 15.08 8.64 5.84
N GLU B 138 15.33 7.56 5.10
CA GLU B 138 14.31 6.90 4.30
C GLU B 138 14.51 5.45 4.64
N LEU B 139 13.54 4.86 5.33
CA LEU B 139 13.63 3.49 5.77
C LEU B 139 13.01 2.55 4.75
N ALA B 140 13.89 1.89 3.99
CA ALA B 140 13.47 0.96 2.95
C ALA B 140 13.50 -0.48 3.43
N GLY B 141 12.52 -1.26 3.03
CA GLY B 141 12.47 -2.64 3.46
C GLY B 141 11.12 -3.29 3.23
N HIS B 142 10.04 -2.53 3.37
CA HIS B 142 8.73 -3.11 3.15
C HIS B 142 8.50 -3.34 1.67
N THR B 143 7.65 -4.31 1.32
CA THR B 143 7.34 -4.63 -0.09
C THR B 143 5.88 -4.33 -0.46
N GLY B 144 5.17 -3.70 0.48
CA GLY B 144 3.78 -3.29 0.30
C GLY B 144 3.68 -1.92 0.93
N TYR B 145 2.62 -1.16 0.67
CA TYR B 145 2.49 0.21 1.22
C TYR B 145 2.67 0.40 2.74
N LEU B 146 3.10 1.58 3.14
CA LEU B 146 3.25 1.90 4.55
C LEU B 146 1.85 2.40 5.02
N SER B 147 1.22 1.67 5.94
CA SER B 147 -0.13 2.04 6.41
C SER B 147 -0.14 2.86 7.71
N CYS B 148 0.89 2.72 8.52
CA CYS B 148 0.97 3.42 9.78
C CYS B 148 2.42 3.36 10.28
N CYS B 149 2.80 4.34 11.11
CA CYS B 149 4.11 4.41 11.72
C CYS B 149 3.97 5.20 13.02
N ARG B 150 4.75 4.84 14.05
CA ARG B 150 4.74 5.52 15.35
C ARG B 150 6.13 5.51 15.99
N PHE B 151 6.65 6.68 16.33
CA PHE B 151 7.98 6.77 16.98
C PHE B 151 7.89 6.32 18.42
N LEU B 152 8.93 5.65 18.90
CA LEU B 152 8.99 5.24 20.30
C LEU B 152 9.84 6.33 20.93
N ASP B 153 10.76 6.84 20.14
CA ASP B 153 11.66 7.93 20.54
C ASP B 153 12.32 8.44 19.27
N ASP B 154 13.28 9.35 19.41
CA ASP B 154 13.97 9.90 18.25
C ASP B 154 14.76 8.91 17.35
N ASN B 155 15.09 7.72 17.84
CA ASN B 155 15.85 6.78 17.02
C ASN B 155 15.13 5.49 16.73
N GLN B 156 13.89 5.38 17.21
CA GLN B 156 13.15 4.15 16.96
C GLN B 156 11.76 4.47 16.44
N ILE B 157 11.25 3.62 15.57
CA ILE B 157 9.94 3.81 14.99
C ILE B 157 9.41 2.44 14.53
N VAL B 158 8.12 2.21 14.73
CA VAL B 158 7.49 0.95 14.34
C VAL B 158 6.59 1.30 13.16
N THR B 159 6.50 0.38 12.20
CA THR B 159 5.70 0.62 11.01
C THR B 159 4.85 -0.59 10.66
N SER B 160 3.72 -0.36 9.99
CA SER B 160 2.85 -1.45 9.56
C SER B 160 2.74 -1.35 8.06
N SER B 161 2.57 -2.48 7.39
CA SER B 161 2.53 -2.46 5.95
C SER B 161 1.55 -3.38 5.28
N GLY B 162 1.24 -3.04 4.03
CA GLY B 162 0.35 -3.86 3.22
C GLY B 162 0.94 -5.22 2.90
N ASP B 163 2.24 -5.39 3.15
CA ASP B 163 2.93 -6.66 2.88
C ASP B 163 2.72 -7.69 3.99
N THR B 164 1.80 -7.35 4.91
CA THR B 164 1.37 -8.16 6.04
C THR B 164 2.28 -8.21 7.26
N THR B 165 3.26 -7.32 7.33
CA THR B 165 4.18 -7.31 8.45
C THR B 165 4.32 -5.94 9.08
N CYS B 166 4.93 -5.90 10.26
CA CYS B 166 5.23 -4.68 10.97
C CYS B 166 6.75 -4.76 11.21
N ALA B 167 7.40 -3.64 11.51
CA ALA B 167 8.83 -3.64 11.76
C ALA B 167 9.25 -2.51 12.70
N LEU B 168 10.37 -2.74 13.38
CA LEU B 168 10.95 -1.77 14.31
C LEU B 168 12.25 -1.32 13.60
N TRP B 169 12.48 -0.02 13.53
CA TRP B 169 13.66 0.47 12.82
C TRP B 169 14.60 1.29 13.69
N ASP B 170 15.91 1.16 13.42
CA ASP B 170 16.93 1.97 14.11
C ASP B 170 17.10 3.09 13.10
N ILE B 171 16.64 4.29 13.46
CA ILE B 171 16.70 5.39 12.54
C ILE B 171 18.11 5.80 12.11
N GLU B 172 19.03 5.99 13.06
CA GLU B 172 20.40 6.40 12.73
C GLU B 172 21.04 5.43 11.73
N THR B 173 20.63 4.17 11.77
CA THR B 173 21.16 3.14 10.88
C THR B 173 20.26 2.87 9.67
N GLY B 174 18.97 3.12 9.82
CA GLY B 174 18.02 2.89 8.75
C GLY B 174 17.76 1.41 8.62
N GLN B 175 18.22 0.67 9.61
CA GLN B 175 18.06 -0.78 9.62
C GLN B 175 16.82 -1.19 10.38
N GLN B 176 16.30 -2.35 10.02
CA GLN B 176 15.14 -2.94 10.65
C GLN B 176 15.68 -3.81 11.77
N THR B 177 15.54 -3.36 13.01
CA THR B 177 16.03 -4.15 14.14
C THR B 177 15.14 -5.36 14.42
N THR B 178 13.85 -5.30 14.09
CA THR B 178 12.94 -6.42 14.31
C THR B 178 11.83 -6.44 13.26
N THR B 179 11.37 -7.63 12.90
CA THR B 179 10.28 -7.76 11.93
C THR B 179 9.17 -8.60 12.59
N PHE B 180 7.92 -8.15 12.45
CA PHE B 180 6.82 -8.85 13.05
C PHE B 180 6.00 -9.56 12.00
N THR B 181 6.08 -10.88 12.01
CA THR B 181 5.39 -11.70 11.04
C THR B 181 4.29 -12.54 11.67
N GLY B 182 3.17 -12.67 10.97
CA GLY B 182 2.09 -13.48 11.49
C GLY B 182 0.76 -13.14 10.86
N HIS B 183 0.49 -11.86 10.66
CA HIS B 183 -0.77 -11.47 10.04
C HIS B 183 -0.83 -12.11 8.66
N THR B 184 -2.02 -12.48 8.21
CA THR B 184 -2.16 -13.09 6.91
C THR B 184 -2.90 -12.12 5.99
N GLY B 185 -2.84 -10.83 6.30
CA GLY B 185 -3.53 -9.86 5.48
C GLY B 185 -2.80 -8.56 5.72
N ASP B 186 -2.97 -7.58 4.83
CA ASP B 186 -2.32 -6.28 4.97
C ASP B 186 -2.55 -5.74 6.38
N VAL B 187 -1.51 -5.22 7.00
CA VAL B 187 -1.61 -4.65 8.33
C VAL B 187 -1.99 -3.19 8.08
N MET B 188 -3.11 -2.76 8.65
CA MET B 188 -3.58 -1.40 8.41
C MET B 188 -3.27 -0.38 9.46
N SER B 189 -3.01 -0.83 10.67
CA SER B 189 -2.80 0.11 11.75
C SER B 189 -2.08 -0.54 12.90
N LEU B 190 -1.53 0.26 13.79
CA LEU B 190 -0.83 -0.22 14.97
C LEU B 190 -0.86 0.81 16.09
N SER B 191 -0.72 0.36 17.34
CA SER B 191 -0.75 1.29 18.45
C SER B 191 0.23 0.81 19.51
N LEU B 192 1.04 1.72 20.03
CA LEU B 192 2.01 1.35 21.05
C LEU B 192 1.43 1.44 22.46
N ALA B 193 1.80 0.51 23.32
CA ALA B 193 1.35 0.52 24.70
C ALA B 193 2.02 1.74 25.28
N PRO B 194 1.40 2.36 26.32
CA PRO B 194 2.00 3.55 26.95
C PRO B 194 3.47 3.39 27.36
N ASP B 195 3.86 2.18 27.78
CA ASP B 195 5.24 1.94 28.18
C ASP B 195 6.13 1.53 27.00
N THR B 196 5.56 1.58 25.80
CA THR B 196 6.22 1.22 24.53
C THR B 196 6.94 -0.13 24.49
N ARG B 197 6.54 -1.05 25.36
CA ARG B 197 7.14 -2.37 25.43
C ARG B 197 6.32 -3.43 24.75
N LEU B 198 5.11 -3.05 24.32
CA LEU B 198 4.17 -3.92 23.60
C LEU B 198 3.46 -3.06 22.59
N PHE B 199 2.91 -3.66 21.55
CA PHE B 199 2.12 -2.90 20.58
C PHE B 199 1.11 -3.82 19.95
N VAL B 200 0.02 -3.24 19.45
CA VAL B 200 -1.04 -4.00 18.81
C VAL B 200 -1.20 -3.53 17.36
N SER B 201 -1.60 -4.44 16.51
CA SER B 201 -1.78 -4.12 15.11
C SER B 201 -3.11 -4.71 14.65
N GLY B 202 -3.72 -4.04 13.69
CA GLY B 202 -4.98 -4.49 13.12
C GLY B 202 -4.77 -4.74 11.64
N ALA B 203 -5.41 -5.77 11.09
CA ALA B 203 -5.21 -6.10 9.69
C ALA B 203 -6.44 -6.56 8.94
N CYS B 204 -6.22 -6.79 7.65
CA CYS B 204 -7.26 -7.25 6.74
C CYS B 204 -7.57 -8.71 6.91
N ASP B 205 -6.89 -9.38 7.84
CA ASP B 205 -7.21 -10.77 8.11
C ASP B 205 -8.29 -10.75 9.23
N ALA B 206 -8.80 -9.55 9.50
CA ALA B 206 -9.86 -9.31 10.48
C ALA B 206 -9.45 -9.67 11.89
N SER B 207 -8.17 -9.53 12.18
CA SER B 207 -7.65 -9.84 13.50
C SER B 207 -6.68 -8.77 13.98
N ALA B 208 -6.48 -8.77 15.29
CA ALA B 208 -5.58 -7.85 15.96
C ALA B 208 -4.55 -8.75 16.64
N LYS B 209 -3.31 -8.28 16.75
CA LYS B 209 -2.27 -9.06 17.41
C LYS B 209 -1.47 -8.23 18.36
N LEU B 210 -1.11 -8.83 19.49
CA LEU B 210 -0.29 -8.14 20.48
C LEU B 210 1.15 -8.60 20.24
N TRP B 211 2.08 -7.65 20.27
CA TRP B 211 3.49 -7.95 20.01
C TRP B 211 4.43 -7.41 21.06
N ASP B 212 5.43 -8.21 21.34
CA ASP B 212 6.47 -7.83 22.27
C ASP B 212 7.51 -7.10 21.37
N VAL B 213 7.85 -5.88 21.73
CA VAL B 213 8.81 -5.11 20.93
C VAL B 213 10.27 -5.58 21.10
N ARG B 214 10.63 -6.09 22.28
CA ARG B 214 11.99 -6.56 22.53
C ARG B 214 12.20 -8.01 22.06
N GLU B 215 11.20 -8.86 22.24
CA GLU B 215 11.28 -10.26 21.87
C GLU B 215 10.72 -10.56 20.46
N GLY B 216 10.26 -9.53 19.77
CA GLY B 216 9.72 -9.70 18.42
C GLY B 216 8.72 -10.79 18.06
N MET B 217 8.05 -11.38 19.03
CA MET B 217 7.08 -12.42 18.71
C MET B 217 5.65 -12.00 19.04
N CYS B 218 4.69 -12.73 18.50
CA CYS B 218 3.29 -12.47 18.75
C CYS B 218 2.83 -13.20 20.02
N ARG B 219 2.35 -12.44 21.01
CA ARG B 219 1.86 -13.00 22.26
C ARG B 219 0.43 -13.47 22.08
N GLN B 220 -0.42 -12.57 21.60
CA GLN B 220 -1.83 -12.89 21.41
C GLN B 220 -2.42 -12.38 20.11
N THR B 221 -3.45 -13.08 19.64
CA THR B 221 -4.18 -12.74 18.45
C THR B 221 -5.67 -12.64 18.83
N PHE B 222 -6.31 -11.52 18.48
CA PHE B 222 -7.71 -11.29 18.80
C PHE B 222 -8.61 -11.34 17.59
N THR B 223 -9.65 -12.16 17.66
CA THR B 223 -10.59 -12.27 16.55
C THR B 223 -11.99 -11.85 16.97
N GLY B 224 -12.86 -11.68 15.98
CA GLY B 224 -14.23 -11.28 16.26
C GLY B 224 -14.85 -10.46 15.16
N HIS B 225 -14.03 -9.61 14.57
CA HIS B 225 -14.51 -8.77 13.49
C HIS B 225 -14.86 -9.60 12.27
N GLU B 226 -15.78 -9.07 11.48
CA GLU B 226 -16.24 -9.71 10.26
C GLU B 226 -15.38 -9.33 9.05
N SER B 227 -14.91 -8.08 9.01
CA SER B 227 -14.08 -7.58 7.91
C SER B 227 -12.78 -7.02 8.43
N ASP B 228 -12.06 -6.36 7.52
CA ASP B 228 -10.78 -5.71 7.78
C ASP B 228 -10.85 -4.74 8.96
N ILE B 229 -9.82 -4.76 9.79
CA ILE B 229 -9.69 -3.82 10.91
C ILE B 229 -8.80 -2.71 10.33
N ASN B 230 -9.38 -1.52 10.13
CA ASN B 230 -8.66 -0.40 9.56
C ASN B 230 -8.02 0.51 10.58
N ALA B 231 -8.46 0.41 11.83
CA ALA B 231 -7.92 1.27 12.88
C ALA B 231 -7.81 0.53 14.19
N ILE B 232 -6.89 0.99 15.02
CA ILE B 232 -6.69 0.34 16.30
C ILE B 232 -6.07 1.35 17.26
N CYS B 233 -6.35 1.21 18.55
CA CYS B 233 -5.83 2.17 19.52
C CYS B 233 -5.74 1.60 20.92
N PHE B 234 -4.63 1.85 21.59
CA PHE B 234 -4.46 1.34 22.95
C PHE B 234 -5.30 2.14 23.96
N PHE B 235 -5.86 1.45 24.95
CA PHE B 235 -6.64 2.11 26.00
C PHE B 235 -5.59 2.64 26.98
N PRO B 236 -5.83 3.83 27.57
CA PRO B 236 -4.96 4.52 28.52
C PRO B 236 -4.24 3.71 29.60
N ASN B 237 -4.87 2.64 30.07
CA ASN B 237 -4.24 1.83 31.12
C ASN B 237 -3.44 0.64 30.58
N GLY B 238 -3.21 0.64 29.26
CA GLY B 238 -2.44 -0.41 28.64
C GLY B 238 -2.94 -1.83 28.85
N ASN B 239 -4.16 -2.00 29.33
CA ASN B 239 -4.69 -3.34 29.56
C ASN B 239 -5.71 -3.73 28.51
N ALA B 240 -6.02 -2.81 27.60
CA ALA B 240 -6.98 -3.10 26.55
C ALA B 240 -6.74 -2.16 25.39
N PHE B 241 -7.50 -2.35 24.31
CA PHE B 241 -7.39 -1.51 23.12
C PHE B 241 -8.69 -1.64 22.34
N ALA B 242 -8.94 -0.69 21.45
CA ALA B 242 -10.13 -0.73 20.61
C ALA B 242 -9.77 -0.88 19.12
N THR B 243 -10.67 -1.47 18.36
CA THR B 243 -10.48 -1.67 16.94
C THR B 243 -11.65 -1.08 16.18
N GLY B 244 -11.42 -0.70 14.92
CA GLY B 244 -12.46 -0.17 14.07
C GLY B 244 -12.37 -0.98 12.80
N SER B 245 -13.50 -1.43 12.30
CA SER B 245 -13.50 -2.28 11.11
C SER B 245 -14.48 -1.92 10.00
N ASP B 246 -14.22 -2.52 8.84
CA ASP B 246 -15.09 -2.35 7.68
C ASP B 246 -16.46 -2.96 7.98
N ASP B 247 -16.57 -3.76 9.03
CA ASP B 247 -17.85 -4.38 9.35
C ASP B 247 -18.84 -3.44 10.08
N ALA B 248 -18.56 -2.15 10.03
CA ALA B 248 -19.40 -1.13 10.64
C ALA B 248 -19.41 -1.13 12.18
N THR B 249 -18.49 -1.89 12.78
CA THR B 249 -18.42 -1.93 14.23
C THR B 249 -17.01 -1.63 14.76
N CYS B 250 -16.97 -1.19 16.01
CA CYS B 250 -15.73 -0.95 16.72
C CYS B 250 -15.83 -1.98 17.84
N ARG B 251 -14.71 -2.41 18.38
CA ARG B 251 -14.72 -3.38 19.48
C ARG B 251 -13.69 -3.03 20.50
N LEU B 252 -13.96 -3.44 21.74
CA LEU B 252 -13.07 -3.22 22.86
C LEU B 252 -12.55 -4.60 23.24
N PHE B 253 -11.23 -4.76 23.28
CA PHE B 253 -10.60 -6.03 23.63
C PHE B 253 -9.77 -5.89 24.87
N ASP B 254 -9.82 -6.89 25.74
CA ASP B 254 -9.03 -6.85 26.96
C ASP B 254 -7.88 -7.82 26.77
N LEU B 255 -6.68 -7.39 27.14
CA LEU B 255 -5.53 -8.24 27.00
C LEU B 255 -5.58 -9.44 27.94
N ARG B 256 -5.72 -9.18 29.24
CA ARG B 256 -5.76 -10.25 30.23
C ARG B 256 -6.85 -11.30 30.05
N ALA B 257 -8.03 -10.89 29.62
CA ALA B 257 -9.11 -11.83 29.39
C ALA B 257 -8.95 -12.47 28.01
N ASP B 258 -8.04 -11.92 27.21
CA ASP B 258 -7.75 -12.41 25.84
C ASP B 258 -8.97 -12.45 24.95
N GLN B 259 -9.87 -11.49 25.12
CA GLN B 259 -11.08 -11.46 24.29
C GLN B 259 -11.75 -10.09 24.33
N GLU B 260 -12.77 -9.91 23.50
CA GLU B 260 -13.47 -8.63 23.49
C GLU B 260 -14.43 -8.46 24.65
N LEU B 261 -14.56 -7.22 25.10
CA LEU B 261 -15.46 -6.91 26.20
C LEU B 261 -16.73 -6.22 25.70
N MET B 262 -16.72 -5.70 24.48
CA MET B 262 -17.87 -4.99 23.97
C MET B 262 -17.74 -4.58 22.49
N THR B 263 -18.87 -4.54 21.80
CA THR B 263 -18.96 -4.13 20.40
C THR B 263 -19.79 -2.84 20.36
N TYR B 264 -19.34 -1.86 19.57
CA TYR B 264 -20.02 -0.56 19.43
C TYR B 264 -20.55 -0.42 18.01
N SER B 265 -21.87 -0.47 17.87
CA SER B 265 -22.53 -0.36 16.56
C SER B 265 -23.95 0.15 16.66
N HIS B 266 -24.62 0.25 15.52
CA HIS B 266 -26.00 0.69 15.42
C HIS B 266 -26.52 0.31 14.04
N ASP B 267 -27.73 -0.26 14.00
CA ASP B 267 -28.36 -0.70 12.76
C ASP B 267 -28.38 0.37 11.67
N ASN B 268 -28.40 1.64 12.05
CA ASN B 268 -28.41 2.68 11.04
C ASN B 268 -27.00 3.11 10.60
N ILE B 269 -25.96 2.62 11.28
CA ILE B 269 -24.57 2.94 10.91
C ILE B 269 -24.09 1.72 10.15
N ILE B 270 -24.00 1.86 8.84
CA ILE B 270 -23.66 0.73 7.98
C ILE B 270 -22.31 0.75 7.24
N CYS B 271 -21.65 1.89 7.23
CA CYS B 271 -20.38 2.05 6.51
C CYS B 271 -19.17 1.56 7.30
N GLY B 272 -17.98 1.68 6.70
CA GLY B 272 -16.78 1.23 7.39
C GLY B 272 -16.17 2.32 8.28
N ILE B 273 -15.38 1.90 9.25
CA ILE B 273 -14.69 2.80 10.17
C ILE B 273 -13.25 2.94 9.64
N THR B 274 -12.66 4.13 9.77
CA THR B 274 -11.31 4.40 9.29
C THR B 274 -10.33 4.67 10.40
N SER B 275 -10.85 5.13 11.54
CA SER B 275 -10.02 5.51 12.68
C SER B 275 -10.77 5.35 13.98
N VAL B 276 -10.03 5.28 15.09
CA VAL B 276 -10.60 5.17 16.44
C VAL B 276 -9.67 5.87 17.42
N SER B 277 -10.22 6.33 18.54
CA SER B 277 -9.44 6.98 19.58
C SER B 277 -10.28 7.13 20.85
N PHE B 278 -9.66 6.95 22.00
CA PHE B 278 -10.34 7.11 23.29
C PHE B 278 -10.10 8.51 23.79
N SER B 279 -11.05 9.03 24.57
CA SER B 279 -10.88 10.33 25.18
C SER B 279 -9.93 10.09 26.36
N LYS B 280 -9.42 11.16 26.97
CA LYS B 280 -8.50 11.06 28.09
C LYS B 280 -8.79 10.01 29.16
N SER B 281 -10.01 10.00 29.70
CA SER B 281 -10.36 9.04 30.75
C SER B 281 -10.66 7.66 30.20
N GLY B 282 -11.01 7.63 28.92
CA GLY B 282 -11.36 6.37 28.29
C GLY B 282 -12.86 6.13 28.33
N ARG B 283 -13.60 7.13 28.81
CA ARG B 283 -15.06 7.01 28.89
C ARG B 283 -15.68 7.01 27.52
N LEU B 284 -15.09 7.78 26.62
CA LEU B 284 -15.57 7.89 25.26
C LEU B 284 -14.63 7.25 24.24
N LEU B 285 -15.22 6.61 23.24
CA LEU B 285 -14.47 6.02 22.15
C LEU B 285 -14.99 6.74 20.90
N LEU B 286 -14.12 7.51 20.26
CA LEU B 286 -14.48 8.26 19.05
C LEU B 286 -13.96 7.51 17.82
N ALA B 287 -14.77 7.44 16.77
CA ALA B 287 -14.42 6.75 15.54
C ALA B 287 -14.83 7.53 14.29
N GLY B 288 -14.03 7.42 13.23
CA GLY B 288 -14.30 8.09 11.97
C GLY B 288 -14.95 7.10 11.03
N TYR B 289 -15.89 7.55 10.20
CA TYR B 289 -16.60 6.64 9.31
C TYR B 289 -16.59 7.12 7.89
N ASP B 290 -16.84 6.19 6.97
CA ASP B 290 -16.88 6.46 5.54
C ASP B 290 -18.05 7.38 5.19
N ASP B 291 -19.08 7.37 6.03
CA ASP B 291 -20.27 8.20 5.77
C ASP B 291 -20.15 9.68 6.06
N PHE B 292 -18.94 10.14 6.37
CA PHE B 292 -18.61 11.56 6.63
C PHE B 292 -18.69 12.04 8.08
N ASN B 293 -19.08 11.16 9.01
CA ASN B 293 -19.15 11.55 10.42
C ASN B 293 -18.16 10.86 11.27
N CYS B 294 -18.04 11.38 12.48
CA CYS B 294 -17.25 10.79 13.53
C CYS B 294 -18.37 10.49 14.57
N ASN B 295 -18.47 9.25 15.03
CA ASN B 295 -19.47 8.91 16.06
C ASN B 295 -18.77 8.77 17.40
N VAL B 296 -19.37 9.37 18.43
CA VAL B 296 -18.81 9.33 19.77
C VAL B 296 -19.57 8.27 20.53
N TRP B 297 -18.85 7.31 21.09
CA TRP B 297 -19.46 6.21 21.82
C TRP B 297 -19.12 6.24 23.29
N ASP B 298 -20.07 5.77 24.10
CA ASP B 298 -19.89 5.68 25.53
C ASP B 298 -19.13 4.35 25.63
N ALA B 299 -17.85 4.40 26.00
CA ALA B 299 -17.03 3.19 26.09
C ALA B 299 -17.54 2.17 27.11
N LEU B 300 -18.05 2.65 28.22
CA LEU B 300 -18.56 1.76 29.27
C LEU B 300 -19.95 1.20 29.06
N LYS B 301 -20.83 1.97 28.42
CA LYS B 301 -22.21 1.55 28.21
C LYS B 301 -22.60 1.21 26.77
N ALA B 302 -21.66 1.38 25.83
CA ALA B 302 -21.89 1.11 24.41
C ALA B 302 -22.97 1.97 23.76
N ASP B 303 -23.27 3.12 24.34
CA ASP B 303 -24.29 3.99 23.77
C ASP B 303 -23.65 5.00 22.84
N ARG B 304 -24.33 5.30 21.74
CA ARG B 304 -23.89 6.31 20.79
C ARG B 304 -24.26 7.64 21.46
N ALA B 305 -23.28 8.31 22.03
CA ALA B 305 -23.53 9.55 22.75
C ALA B 305 -23.58 10.83 21.92
N GLY B 306 -23.01 10.80 20.71
CA GLY B 306 -23.01 11.98 19.88
C GLY B 306 -22.44 11.71 18.51
N VAL B 307 -22.41 12.76 17.69
CA VAL B 307 -21.90 12.68 16.33
C VAL B 307 -21.18 13.98 16.03
N LEU B 308 -20.13 13.91 15.22
CA LEU B 308 -19.41 15.11 14.81
C LEU B 308 -19.61 15.14 13.30
N ALA B 309 -20.54 15.96 12.87
CA ALA B 309 -20.88 16.10 11.47
C ALA B 309 -20.42 17.47 11.05
N GLY B 310 -19.72 17.52 9.92
CA GLY B 310 -19.19 18.78 9.44
C GLY B 310 -18.42 18.60 8.16
N HIS B 311 -17.81 17.42 8.00
CA HIS B 311 -17.05 17.08 6.79
C HIS B 311 -18.00 16.68 5.69
N ASP B 312 -17.61 16.96 4.44
CA ASP B 312 -18.44 16.63 3.29
C ASP B 312 -17.88 15.44 2.53
N ASN B 313 -17.00 14.70 3.18
CA ASN B 313 -16.43 13.50 2.58
C ASN B 313 -15.94 12.63 3.73
N ARG B 314 -15.47 11.41 3.44
CA ARG B 314 -14.99 10.51 4.48
C ARG B 314 -14.10 11.17 5.51
N VAL B 315 -14.27 10.76 6.75
CA VAL B 315 -13.42 11.22 7.83
C VAL B 315 -12.40 10.10 7.77
N SER B 316 -11.15 10.43 7.48
CA SER B 316 -10.10 9.43 7.29
C SER B 316 -9.24 9.17 8.49
N CYS B 317 -9.20 10.12 9.40
CA CYS B 317 -8.35 9.99 10.55
C CYS B 317 -8.84 10.91 11.65
N LEU B 318 -8.40 10.66 12.88
CA LEU B 318 -8.79 11.52 13.98
C LEU B 318 -7.83 11.34 15.10
N GLY B 319 -7.83 12.28 16.03
CA GLY B 319 -6.96 12.15 17.16
C GLY B 319 -7.36 13.02 18.33
N VAL B 320 -7.15 12.50 19.53
CA VAL B 320 -7.45 13.27 20.72
C VAL B 320 -6.14 13.72 21.32
N THR B 321 -6.05 15.00 21.69
CA THR B 321 -4.84 15.55 22.29
C THR B 321 -4.47 14.87 23.62
N ASP B 322 -3.19 14.89 23.97
CA ASP B 322 -2.70 14.29 25.21
C ASP B 322 -3.33 14.92 26.45
N ASP B 323 -3.64 16.22 26.40
CA ASP B 323 -4.26 16.88 27.54
C ASP B 323 -5.78 16.65 27.56
N GLY B 324 -6.28 15.91 26.58
CA GLY B 324 -7.70 15.60 26.49
C GLY B 324 -8.66 16.73 26.13
N MET B 325 -8.12 17.90 25.80
CA MET B 325 -8.93 19.06 25.48
C MET B 325 -9.61 19.10 24.13
N ALA B 326 -9.15 18.34 23.16
CA ALA B 326 -9.76 18.41 21.85
C ALA B 326 -9.58 17.18 20.99
N VAL B 327 -10.43 17.07 19.98
CA VAL B 327 -10.34 15.99 19.02
C VAL B 327 -10.19 16.67 17.65
N ALA B 328 -9.32 16.10 16.82
CA ALA B 328 -9.13 16.64 15.47
C ALA B 328 -9.62 15.57 14.54
N THR B 329 -10.24 15.97 13.44
CA THR B 329 -10.68 15.01 12.46
C THR B 329 -10.09 15.42 11.11
N GLY B 330 -9.65 14.44 10.31
CA GLY B 330 -9.10 14.74 8.98
C GLY B 330 -10.06 14.13 7.98
N SER B 331 -10.22 14.74 6.82
CA SER B 331 -11.18 14.22 5.87
C SER B 331 -10.74 14.27 4.40
N TRP B 332 -11.40 13.45 3.59
CA TRP B 332 -11.14 13.42 2.15
C TRP B 332 -11.58 14.74 1.54
N ASP B 333 -12.30 15.56 2.31
CA ASP B 333 -12.75 16.85 1.81
C ASP B 333 -11.67 17.93 1.85
N SER B 334 -10.45 17.50 2.20
CA SER B 334 -9.27 18.37 2.27
C SER B 334 -9.10 19.20 3.53
N PHE B 335 -10.01 19.04 4.48
CA PHE B 335 -9.97 19.80 5.72
C PHE B 335 -9.82 18.98 7.00
N LEU B 336 -9.31 19.65 8.03
CA LEU B 336 -9.17 19.09 9.37
C LEU B 336 -10.00 20.02 10.25
N LYS B 337 -10.70 19.47 11.24
CA LYS B 337 -11.50 20.29 12.14
C LYS B 337 -11.17 19.92 13.58
N ILE B 338 -11.15 20.93 14.45
CA ILE B 338 -10.89 20.70 15.87
C ILE B 338 -12.23 20.92 16.59
N TRP B 339 -12.66 19.93 17.36
CA TRP B 339 -13.94 19.94 18.05
C TRP B 339 -13.76 19.94 19.56
N ASN B 340 -14.58 20.75 20.21
CA ASN B 340 -14.58 20.94 21.65
C ASN B 340 -15.97 21.08 22.22
N LEU C 16 6.37 -26.80 1.72
CA LEU C 16 6.84 -25.39 1.81
C LEU C 16 5.65 -24.46 1.64
N THR C 17 5.88 -23.15 1.80
CA THR C 17 4.85 -22.12 1.67
C THR C 17 3.55 -22.48 2.38
N GLU C 18 2.57 -22.99 1.64
CA GLU C 18 1.28 -23.39 2.18
C GLU C 18 1.44 -24.17 3.47
N LYS C 19 2.24 -25.23 3.41
CA LYS C 19 2.49 -26.08 4.57
C LYS C 19 3.26 -25.32 5.64
N ASP C 20 4.28 -24.58 5.22
CA ASP C 20 5.09 -23.84 6.16
C ASP C 20 4.44 -22.62 6.80
N LYS C 21 3.51 -22.00 6.08
CA LYS C 21 2.77 -20.89 6.64
C LYS C 21 1.87 -21.57 7.68
N LEU C 22 1.20 -22.65 7.27
CA LEU C 22 0.32 -23.41 8.15
C LEU C 22 1.06 -24.02 9.34
N LYS C 23 2.22 -24.61 9.10
CA LYS C 23 3.02 -25.19 10.19
C LYS C 23 3.33 -24.13 11.24
N MET C 24 3.46 -22.88 10.80
CA MET C 24 3.76 -21.78 11.69
C MET C 24 2.45 -21.27 12.33
N GLU C 25 1.35 -21.44 11.61
CA GLU C 25 0.04 -21.06 12.12
C GLU C 25 -0.20 -21.91 13.37
N VAL C 26 -0.21 -23.22 13.18
CA VAL C 26 -0.39 -24.19 14.27
C VAL C 26 0.67 -23.96 15.35
N ASP C 27 1.84 -23.50 14.94
CA ASP C 27 2.92 -23.23 15.88
C ASP C 27 2.62 -22.04 16.77
N GLN C 28 1.83 -21.08 16.27
CA GLN C 28 1.45 -19.91 17.05
C GLN C 28 0.29 -20.24 17.99
N LEU C 29 -0.65 -21.04 17.48
CA LEU C 29 -1.80 -21.46 18.27
C LEU C 29 -1.35 -22.20 19.52
N LYS C 30 -0.46 -23.19 19.35
CA LYS C 30 0.09 -23.95 20.48
C LYS C 30 0.55 -23.03 21.61
N LYS C 31 1.19 -21.93 21.23
CA LYS C 31 1.69 -20.95 22.19
C LYS C 31 0.53 -20.20 22.84
N GLU C 32 -0.42 -19.77 22.00
CA GLU C 32 -1.58 -19.03 22.48
C GLU C 32 -2.49 -19.89 23.33
N VAL C 33 -2.58 -21.17 23.00
CA VAL C 33 -3.43 -22.09 23.76
C VAL C 33 -2.96 -22.20 25.22
N THR C 34 -1.71 -21.85 25.48
CA THR C 34 -1.20 -21.92 26.83
C THR C 34 -1.38 -20.58 27.54
N LEU C 35 -2.21 -19.72 26.96
CA LEU C 35 -2.47 -18.42 27.53
C LEU C 35 -3.23 -18.53 28.84
N GLU C 36 -2.69 -17.88 29.88
CA GLU C 36 -3.31 -17.90 31.20
C GLU C 36 -4.28 -16.73 31.27
N ARG C 37 -5.54 -16.98 30.91
CA ARG C 37 -6.57 -15.93 30.91
C ARG C 37 -7.14 -15.50 32.27
N MET C 38 -7.42 -14.21 32.39
CA MET C 38 -8.00 -13.62 33.58
C MET C 38 -9.54 -13.57 33.42
N LEU C 39 -10.26 -13.44 34.53
CA LEU C 39 -11.72 -13.38 34.50
C LEU C 39 -12.24 -12.06 33.94
N VAL C 40 -13.22 -12.15 33.03
CA VAL C 40 -13.81 -10.97 32.39
C VAL C 40 -14.24 -9.92 33.41
N SER C 41 -15.03 -10.35 34.40
CA SER C 41 -15.52 -9.48 35.46
C SER C 41 -14.41 -8.70 36.16
N LYS C 42 -13.32 -9.38 36.50
CA LYS C 42 -12.18 -8.72 37.15
C LYS C 42 -11.62 -7.67 36.17
N CYS C 43 -11.46 -8.09 34.93
CA CYS C 43 -10.96 -7.22 33.87
C CYS C 43 -11.91 -6.04 33.73
N CYS C 44 -13.18 -6.33 33.50
CA CYS C 44 -14.20 -5.31 33.37
C CYS C 44 -14.21 -4.34 34.55
N GLU C 45 -14.29 -4.88 35.78
CA GLU C 45 -14.33 -4.05 36.98
C GLU C 45 -13.15 -3.11 37.07
N GLU C 46 -11.97 -3.61 36.72
CA GLU C 46 -10.75 -2.80 36.73
C GLU C 46 -10.80 -1.76 35.60
N PHE C 47 -11.44 -2.12 34.48
CA PHE C 47 -11.60 -1.23 33.34
C PHE C 47 -12.49 -0.08 33.84
N ARG C 48 -13.68 -0.44 34.34
CA ARG C 48 -14.65 0.52 34.86
C ARG C 48 -14.09 1.45 35.91
N ASP C 49 -13.41 0.90 36.90
CA ASP C 49 -12.83 1.71 37.95
C ASP C 49 -11.85 2.73 37.40
N TYR C 50 -11.09 2.33 36.38
CA TYR C 50 -10.11 3.24 35.78
C TYR C 50 -10.83 4.46 35.21
N VAL C 51 -11.85 4.22 34.39
CA VAL C 51 -12.62 5.29 33.75
C VAL C 51 -13.33 6.19 34.80
N GLU C 52 -14.07 5.55 35.69
CA GLU C 52 -14.81 6.24 36.74
C GLU C 52 -13.95 7.15 37.61
N GLU C 53 -12.72 6.74 37.84
CA GLU C 53 -11.85 7.58 38.63
C GLU C 53 -11.52 8.88 37.91
N ARG C 54 -11.56 8.89 36.58
CA ARG C 54 -11.21 10.13 35.87
C ARG C 54 -12.17 10.78 34.87
N SER C 55 -13.29 10.13 34.59
CA SER C 55 -14.24 10.70 33.65
C SER C 55 -14.76 12.05 34.12
N GLY C 56 -14.73 12.28 35.42
CA GLY C 56 -15.19 13.53 35.97
C GLY C 56 -14.35 14.71 35.57
N GLU C 57 -13.13 14.45 35.11
CA GLU C 57 -12.24 15.54 34.69
C GLU C 57 -11.91 15.49 33.21
N ASP C 58 -12.65 14.69 32.48
CA ASP C 58 -12.47 14.53 31.05
C ASP C 58 -13.20 15.67 30.31
N PRO C 59 -12.43 16.58 29.67
CA PRO C 59 -12.97 17.72 28.92
C PRO C 59 -13.99 17.36 27.86
N LEU C 60 -13.85 16.17 27.28
CA LEU C 60 -14.77 15.74 26.25
C LEU C 60 -16.04 15.11 26.83
N VAL C 61 -16.02 14.80 28.12
CA VAL C 61 -17.18 14.21 28.80
C VAL C 61 -17.97 15.33 29.46
N LYS C 62 -17.24 16.22 30.13
CA LYS C 62 -17.83 17.33 30.87
C LYS C 62 -18.04 18.63 30.09
N GLY C 63 -17.24 18.85 29.05
CA GLY C 63 -17.32 20.09 28.32
C GLY C 63 -16.23 20.95 28.96
N ILE C 64 -15.92 22.09 28.38
CA ILE C 64 -14.89 22.95 28.92
C ILE C 64 -15.37 24.37 29.12
N PRO C 65 -15.14 24.94 30.31
CA PRO C 65 -15.59 26.33 30.54
C PRO C 65 -14.88 27.16 29.48
N GLU C 66 -15.61 28.00 28.77
CA GLU C 66 -15.00 28.82 27.72
C GLU C 66 -13.66 29.47 28.04
N ASP C 67 -13.51 29.97 29.27
CA ASP C 67 -12.27 30.64 29.65
C ASP C 67 -11.03 29.73 29.75
N LYS C 68 -11.26 28.43 29.88
CA LYS C 68 -10.16 27.46 29.96
C LYS C 68 -9.99 26.74 28.62
N ASN C 69 -10.77 27.12 27.62
CA ASN C 69 -10.71 26.44 26.33
C ASN C 69 -9.71 27.13 25.44
N PRO C 70 -8.61 26.44 25.07
CA PRO C 70 -7.62 27.06 24.19
C PRO C 70 -8.14 27.23 22.76
N PHE C 71 -9.19 26.50 22.40
CA PHE C 71 -9.76 26.58 21.05
C PHE C 71 -10.96 27.48 20.93
N LYS C 72 -11.03 28.47 21.82
CA LYS C 72 -12.09 29.45 21.77
C LYS C 72 -11.61 30.49 20.77
N GLU C 73 -12.53 31.25 20.19
CA GLU C 73 -12.14 32.27 19.23
C GLU C 73 -11.36 33.34 19.97
#